data_6L50
#
_entry.id   6L50
#
_cell.length_a   59.744
_cell.length_b   59.909
_cell.length_c   214.833
_cell.angle_alpha   90.000
_cell.angle_beta   90.000
_cell.angle_gamma   90.000
#
_symmetry.space_group_name_H-M   'P 21 21 21'
#
loop_
_entity.id
_entity.type
_entity.pdbx_description
1 polymer 'Serine protease subunit NS2B'
2 polymer 'NS3 protease'
3 non-polymer 2-sulfanylidene-1,3-thiazolidin-4-one
4 water water
#
loop_
_entity_poly.entity_id
_entity_poly.type
_entity_poly.pdbx_seq_one_letter_code
_entity_poly.pdbx_strand_id
1 'polypeptide(L)' MTGKSVDMYIERAGDITWEKDAEVTGNSPRLDVALDESGDFSLVEEDGPPMRE A,C,E,G
2 'polypeptide(L)'
;GSGALWDVPAPKEVKKGETTDGVYRVMTRRLLGSTQVGVGVMQEGVFHTMWHVTKGAALRSGEGRLDPYWGDVKQDLVSY
CGPWKLDAAWDGLSEVQLLAVPPGERAKNIQTLPGIFKTKDGDIGAVALDYPAGTSGSPILDKCGRVIGLYGNGVVIKNG
SYVSAITQGKREEETPVE
;
B,D,F,H
#
loop_
_chem_comp.id
_chem_comp.type
_chem_comp.name
_chem_comp.formula
E60 non-polymer 2-sulfanylidene-1,3-thiazolidin-4-one 'C3 H3 N O S2'
#
# COMPACT_ATOMS: atom_id res chain seq x y z
N ASP A 7 15.21 10.69 12.17
CA ASP A 7 14.15 10.79 13.17
C ASP A 7 13.15 11.88 12.81
N MET A 8 11.90 11.69 13.21
CA MET A 8 10.84 12.64 12.93
C MET A 8 10.56 13.52 14.15
N TYR A 9 9.96 14.67 13.88
CA TYR A 9 9.56 15.58 14.95
C TYR A 9 8.30 16.31 14.52
N ILE A 10 7.64 16.93 15.50
CA ILE A 10 6.39 17.64 15.26
C ILE A 10 6.55 19.10 15.66
N GLU A 11 5.82 19.97 14.96
CA GLU A 11 5.76 21.38 15.30
C GLU A 11 4.34 21.87 15.03
N ARG A 12 3.85 22.74 15.90
CA ARG A 12 2.46 23.17 15.84
C ARG A 12 2.19 24.00 14.59
N ALA A 13 0.99 23.83 14.03
CA ALA A 13 0.59 24.53 12.83
C ALA A 13 -0.67 25.38 13.01
N GLY A 14 -1.41 25.21 14.09
CA GLY A 14 -2.57 26.04 14.32
C GLY A 14 -3.57 25.34 15.22
N ASP A 15 -4.69 26.04 15.45
CA ASP A 15 -5.78 25.54 16.27
C ASP A 15 -6.74 24.70 15.45
N ILE A 16 -7.42 23.77 16.14
CA ILE A 16 -8.47 22.95 15.56
C ILE A 16 -9.78 23.72 15.70
N THR A 17 -10.21 24.39 14.63
CA THR A 17 -11.38 25.25 14.71
C THR A 17 -12.08 25.36 13.36
N TRP A 18 -13.40 25.41 13.40
CA TRP A 18 -14.21 25.66 12.21
C TRP A 18 -14.23 27.15 11.90
N GLU A 19 -14.11 27.49 10.62
CA GLU A 19 -14.10 28.88 10.17
C GLU A 19 -15.28 29.17 9.25
N LYS A 20 -15.98 30.26 9.53
CA LYS A 20 -17.16 30.64 8.76
C LYS A 20 -16.79 31.33 7.45
N ASP A 21 -15.63 32.00 7.40
CA ASP A 21 -15.13 32.62 6.17
C ASP A 21 -14.30 31.65 5.34
N ALA A 22 -14.63 30.36 5.39
CA ALA A 22 -13.86 29.34 4.68
C ALA A 22 -14.29 29.25 3.23
N GLU A 23 -13.29 29.12 2.35
CA GLU A 23 -13.58 28.88 0.94
C GLU A 23 -14.23 27.52 0.77
N VAL A 24 -15.27 27.47 -0.06
CA VAL A 24 -16.07 26.27 -0.27
C VAL A 24 -15.70 25.71 -1.64
N THR A 25 -15.24 24.47 -1.67
CA THR A 25 -14.75 23.84 -2.88
C THR A 25 -15.03 22.34 -2.80
N GLY A 26 -14.85 21.66 -3.93
CA GLY A 26 -14.91 20.21 -3.94
C GLY A 26 -16.28 19.64 -4.22
N ASN A 27 -16.34 18.56 -5.00
CA ASN A 27 -17.59 17.90 -5.31
C ASN A 27 -17.85 16.83 -4.26
N SER A 28 -18.91 16.05 -4.46
CA SER A 28 -19.34 15.04 -3.49
C SER A 28 -19.54 13.70 -4.17
N PRO A 29 -18.48 13.11 -4.73
CA PRO A 29 -18.65 11.89 -5.52
C PRO A 29 -18.88 10.67 -4.65
N ARG A 30 -19.67 9.75 -5.16
CA ARG A 30 -19.97 8.48 -4.51
C ARG A 30 -19.26 7.37 -5.27
N LEU A 31 -18.31 6.69 -4.60
CA LEU A 31 -17.42 5.74 -5.24
C LEU A 31 -17.47 4.39 -4.54
N ASP A 32 -17.51 3.32 -5.34
CA ASP A 32 -17.41 1.95 -4.82
C ASP A 32 -15.94 1.56 -4.75
N VAL A 33 -15.45 1.34 -3.54
CA VAL A 33 -14.03 1.05 -3.32
C VAL A 33 -13.89 -0.25 -2.54
N ALA A 34 -12.67 -0.82 -2.61
CA ALA A 34 -12.29 -2.00 -1.85
C ALA A 34 -11.04 -1.70 -1.05
N LEU A 35 -11.03 -2.13 0.22
CA LEU A 35 -9.92 -1.88 1.13
C LEU A 35 -9.17 -3.19 1.38
N ASP A 36 -7.88 -3.22 1.00
CA ASP A 36 -7.09 -4.43 1.18
C ASP A 36 -6.54 -4.49 2.60
N GLU A 37 -5.78 -5.55 2.90
CA GLU A 37 -5.26 -5.75 4.24
C GLU A 37 -4.21 -4.73 4.63
N SER A 38 -3.46 -4.19 3.65
CA SER A 38 -2.45 -3.18 3.90
C SER A 38 -3.01 -1.79 4.08
N GLY A 39 -4.32 -1.60 3.96
CA GLY A 39 -4.91 -0.29 4.12
C GLY A 39 -4.98 0.59 2.88
N ASP A 40 -4.80 0.03 1.69
CA ASP A 40 -4.87 0.81 0.45
C ASP A 40 -6.25 0.66 -0.17
N PHE A 41 -6.85 1.78 -0.54
CA PHE A 41 -8.14 1.76 -1.21
C PHE A 41 -7.98 1.53 -2.71
N SER A 42 -8.96 0.86 -3.30
CA SER A 42 -8.96 0.57 -4.73
C SER A 42 -10.37 0.71 -5.26
N LEU A 43 -10.49 1.24 -6.48
CA LEU A 43 -11.79 1.46 -7.09
C LEU A 43 -12.31 0.19 -7.73
N VAL A 44 -13.63 0.03 -7.71
CA VAL A 44 -14.27 -1.15 -8.25
C VAL A 44 -15.05 -0.83 -9.51
N GLU B 18 6.04 20.00 23.76
CA GLU B 18 4.71 20.57 23.84
C GLU B 18 3.64 19.58 23.40
N THR B 19 2.65 19.38 24.26
CA THR B 19 1.51 18.51 24.00
C THR B 19 0.20 19.30 23.93
N THR B 20 0.31 20.56 23.52
CA THR B 20 -0.86 21.43 23.44
C THR B 20 -1.81 20.95 22.35
N ASP B 21 -3.11 21.02 22.63
CA ASP B 21 -4.11 20.66 21.64
C ASP B 21 -3.93 21.49 20.38
N GLY B 22 -4.15 20.88 19.23
CA GLY B 22 -4.07 21.56 17.97
C GLY B 22 -3.52 20.65 16.91
N VAL B 23 -3.23 21.23 15.75
CA VAL B 23 -2.74 20.49 14.59
C VAL B 23 -1.24 20.73 14.47
N TYR B 24 -0.51 19.69 14.08
CA TYR B 24 0.94 19.71 14.02
C TYR B 24 1.40 19.17 12.68
N ARG B 25 2.53 19.69 12.19
CA ARG B 25 3.20 19.10 11.06
C ARG B 25 4.14 18.01 11.55
N VAL B 26 4.28 16.96 10.73
CA VAL B 26 5.22 15.88 11.01
C VAL B 26 6.36 16.01 9.99
N MET B 27 7.54 16.37 10.47
CA MET B 27 8.67 16.65 9.61
C MET B 27 9.79 15.64 9.84
N THR B 28 10.65 15.51 8.83
CA THR B 28 11.80 14.62 8.90
C THR B 28 12.99 15.30 8.24
N ARG B 29 14.18 14.83 8.62
CA ARG B 29 15.43 15.36 8.08
C ARG B 29 16.23 14.32 7.30
N ARG B 30 15.77 13.06 7.27
CA ARG B 30 16.50 11.99 6.60
C ARG B 30 16.70 12.23 5.10
N LEU B 31 15.92 13.12 4.50
CA LEU B 31 16.10 13.46 3.10
C LEU B 31 16.60 14.90 2.99
N LEU B 32 16.50 15.48 1.78
CA LEU B 32 17.02 16.81 1.51
C LEU B 32 16.27 17.86 2.30
N GLY B 33 16.96 18.59 3.16
CA GLY B 33 16.26 19.68 3.82
C GLY B 33 15.21 19.16 4.78
N SER B 34 14.33 20.07 5.18
CA SER B 34 13.21 19.71 6.03
C SER B 34 12.03 19.38 5.13
N THR B 35 11.52 18.15 5.26
CA THR B 35 10.44 17.63 4.41
C THR B 35 9.29 17.21 5.29
N GLN B 36 8.08 17.58 4.87
CA GLN B 36 6.86 17.29 5.62
C GLN B 36 6.30 15.94 5.16
N VAL B 37 6.40 14.94 6.02
CA VAL B 37 5.88 13.62 5.68
C VAL B 37 4.38 13.53 5.91
N GLY B 38 3.84 14.30 6.84
CA GLY B 38 2.43 14.23 7.12
C GLY B 38 1.99 15.29 8.10
N VAL B 39 0.76 15.11 8.60
CA VAL B 39 0.13 16.02 9.53
C VAL B 39 -0.53 15.18 10.63
N GLY B 40 -0.70 15.78 11.81
CA GLY B 40 -1.30 15.06 12.91
C GLY B 40 -2.12 15.98 13.80
N VAL B 41 -2.85 15.35 14.72
CA VAL B 41 -3.73 16.05 15.66
C VAL B 41 -3.33 15.66 17.08
N MET B 42 -3.17 16.67 17.94
CA MET B 42 -2.96 16.45 19.37
C MET B 42 -4.24 16.77 20.12
N GLN B 43 -4.75 15.80 20.88
CA GLN B 43 -5.95 16.02 21.67
C GLN B 43 -5.87 15.15 22.92
N GLU B 44 -6.14 15.77 24.08
CA GLU B 44 -6.15 15.08 25.37
C GLU B 44 -4.83 14.35 25.62
N GLY B 45 -3.73 14.96 25.18
CA GLY B 45 -2.42 14.38 25.37
C GLY B 45 -2.07 13.27 24.41
N VAL B 46 -2.89 13.00 23.41
CA VAL B 46 -2.66 11.94 22.44
C VAL B 46 -2.47 12.57 21.07
N PHE B 47 -1.46 12.12 20.34
CA PHE B 47 -1.18 12.59 18.99
C PHE B 47 -1.76 11.60 17.99
N HIS B 48 -2.66 12.08 17.14
CA HIS B 48 -3.34 11.25 16.15
C HIS B 48 -2.84 11.61 14.76
N THR B 49 -2.33 10.62 14.04
CA THR B 49 -1.94 10.79 12.65
C THR B 49 -2.22 9.48 11.91
N MET B 50 -1.81 9.42 10.65
CA MET B 50 -2.01 8.24 9.83
C MET B 50 -0.77 7.36 9.89
N TRP B 51 -0.97 6.05 9.73
CA TRP B 51 0.14 5.11 9.88
C TRP B 51 1.21 5.34 8.82
N HIS B 52 0.80 5.48 7.56
CA HIS B 52 1.77 5.62 6.47
C HIS B 52 2.60 6.89 6.58
N VAL B 53 2.20 7.83 7.44
CA VAL B 53 2.98 9.04 7.65
C VAL B 53 4.25 8.71 8.43
N THR B 54 4.09 8.08 9.59
CA THR B 54 5.20 7.78 10.47
C THR B 54 5.69 6.33 10.37
N LYS B 55 4.88 5.44 9.79
CA LYS B 55 5.15 4.00 9.79
C LYS B 55 5.42 3.48 11.21
N GLY B 56 4.69 4.01 12.18
CA GLY B 56 4.80 3.57 13.55
C GLY B 56 6.05 4.00 14.28
N ALA B 57 6.91 4.80 13.65
CA ALA B 57 8.13 5.25 14.30
C ALA B 57 7.81 6.20 15.44
N ALA B 58 8.74 6.28 16.40
CA ALA B 58 8.60 7.23 17.48
C ALA B 58 8.79 8.66 16.97
N LEU B 59 8.23 9.61 17.70
CA LEU B 59 8.30 11.01 17.32
C LEU B 59 8.90 11.84 18.46
N ARG B 60 9.53 12.94 18.07
CA ARG B 60 10.11 13.90 19.01
C ARG B 60 9.28 15.16 19.04
N SER B 61 9.11 15.75 20.22
CA SER B 61 8.39 17.02 20.39
C SER B 61 9.32 17.96 21.15
N GLY B 62 10.25 18.57 20.42
CA GLY B 62 11.28 19.39 21.00
C GLY B 62 12.29 18.60 21.79
N GLU B 63 12.18 18.62 23.12
CA GLU B 63 13.05 17.83 23.98
C GLU B 63 12.42 16.51 24.39
N GLY B 64 11.10 16.40 24.34
CA GLY B 64 10.43 15.17 24.69
C GLY B 64 10.41 14.16 23.56
N ARG B 65 9.75 13.04 23.83
CA ARG B 65 9.62 11.94 22.88
C ARG B 65 8.21 11.39 22.98
N LEU B 66 7.63 11.05 21.83
CA LEU B 66 6.30 10.46 21.78
C LEU B 66 6.42 9.07 21.20
N ASP B 67 5.95 8.08 21.96
CA ASP B 67 6.00 6.69 21.55
C ASP B 67 4.63 6.19 21.15
N PRO B 68 4.54 5.39 20.08
CA PRO B 68 3.25 4.85 19.66
C PRO B 68 2.61 4.00 20.75
N TYR B 69 1.29 4.11 20.86
CA TYR B 69 0.48 3.40 21.83
C TYR B 69 -0.46 2.39 21.17
N TRP B 70 -1.13 2.80 20.09
CA TRP B 70 -2.01 1.93 19.33
C TRP B 70 -1.86 2.26 17.85
N GLY B 71 -2.00 1.24 17.01
CA GLY B 71 -1.94 1.45 15.58
C GLY B 71 -2.54 0.28 14.82
N ASP B 72 -2.96 0.58 13.59
CA ASP B 72 -3.53 -0.44 12.71
C ASP B 72 -3.23 -0.06 11.27
N VAL B 73 -2.58 -0.95 10.54
CA VAL B 73 -2.16 -0.66 9.17
C VAL B 73 -3.37 -0.55 8.25
N LYS B 74 -4.33 -1.47 8.39
CA LYS B 74 -5.50 -1.45 7.53
C LYS B 74 -6.33 -0.19 7.71
N GLN B 75 -6.49 0.25 8.97
CA GLN B 75 -7.16 1.52 9.24
C GLN B 75 -6.32 2.71 8.84
N ASP B 76 -5.01 2.52 8.66
CA ASP B 76 -4.08 3.62 8.36
C ASP B 76 -4.11 4.69 9.44
N LEU B 77 -4.12 4.24 10.70
CA LEU B 77 -4.16 5.13 11.85
C LEU B 77 -3.15 4.69 12.89
N VAL B 78 -2.68 5.65 13.70
CA VAL B 78 -1.77 5.38 14.80
C VAL B 78 -1.94 6.49 15.83
N SER B 79 -1.80 6.12 17.11
CA SER B 79 -1.91 7.06 18.21
C SER B 79 -0.64 6.99 19.06
N TYR B 80 -0.30 8.12 19.68
CA TYR B 80 0.91 8.22 20.48
C TYR B 80 0.58 8.64 21.90
N CYS B 81 1.30 8.06 22.87
CA CYS B 81 1.20 8.39 24.29
C CYS B 81 -0.17 8.10 24.90
N GLY B 82 -1.07 7.48 24.16
CA GLY B 82 -2.35 7.10 24.72
C GLY B 82 -3.29 6.51 23.68
N PRO B 83 -4.51 6.16 24.09
CA PRO B 83 -5.47 5.60 23.14
C PRO B 83 -6.04 6.65 22.22
N TRP B 84 -6.65 6.16 21.13
CA TRP B 84 -7.33 7.04 20.19
C TRP B 84 -8.45 7.79 20.90
N LYS B 85 -8.40 9.12 20.83
CA LYS B 85 -9.35 9.96 21.55
C LYS B 85 -10.42 10.57 20.66
N LEU B 86 -10.20 10.65 19.36
CA LEU B 86 -11.14 11.30 18.46
C LEU B 86 -12.29 10.35 18.21
N ASP B 87 -13.50 10.75 18.63
CA ASP B 87 -14.66 9.89 18.57
C ASP B 87 -15.82 10.48 17.78
N ALA B 88 -15.73 11.73 17.35
CA ALA B 88 -16.79 12.31 16.54
C ALA B 88 -16.83 11.63 15.18
N ALA B 89 -17.99 11.72 14.55
CA ALA B 89 -18.18 11.14 13.23
C ALA B 89 -18.99 12.10 12.39
N TRP B 90 -18.95 11.87 11.09
CA TRP B 90 -19.78 12.61 10.16
C TRP B 90 -21.24 12.31 10.46
N ASP B 91 -22.01 13.35 10.80
CA ASP B 91 -23.45 13.18 10.89
C ASP B 91 -24.01 12.69 9.57
N GLY B 92 -23.20 12.79 8.52
CA GLY B 92 -23.52 12.44 7.17
C GLY B 92 -24.02 13.60 6.37
N LEU B 93 -24.86 14.45 6.95
CA LEU B 93 -25.55 15.43 6.10
C LEU B 93 -24.79 16.74 5.92
N SER B 94 -24.34 17.36 7.01
CA SER B 94 -23.76 18.68 6.90
C SER B 94 -22.45 18.65 6.10
N GLU B 95 -22.08 19.82 5.56
CA GLU B 95 -20.75 19.98 5.01
C GLU B 95 -19.71 20.03 6.12
N VAL B 96 -18.48 19.67 5.77
CA VAL B 96 -17.39 19.66 6.74
C VAL B 96 -16.29 20.62 6.28
N GLN B 97 -15.24 20.75 7.10
CA GLN B 97 -14.07 21.53 6.73
C GLN B 97 -12.81 20.70 6.90
N LEU B 98 -11.99 20.65 5.86
CA LEU B 98 -10.67 20.03 5.92
C LEU B 98 -9.66 21.08 6.33
N LEU B 99 -9.05 20.91 7.51
CA LEU B 99 -7.99 21.80 7.97
C LEU B 99 -6.68 21.29 7.35
N ALA B 100 -6.48 21.66 6.10
CA ALA B 100 -5.33 21.19 5.35
C ALA B 100 -4.08 21.96 5.79
N VAL B 101 -3.02 21.23 6.12
CA VAL B 101 -1.73 21.82 6.43
C VAL B 101 -0.74 21.32 5.40
N PRO B 102 -0.67 21.95 4.22
CA PRO B 102 0.21 21.46 3.16
C PRO B 102 1.66 21.73 3.50
N PRO B 103 2.59 20.95 2.94
CA PRO B 103 4.00 21.18 3.20
C PRO B 103 4.45 22.56 2.73
N GLY B 104 5.16 23.27 3.60
CA GLY B 104 5.64 24.58 3.26
C GLY B 104 4.57 25.64 3.15
N GLU B 105 3.33 25.32 3.50
CA GLU B 105 2.21 26.24 3.43
C GLU B 105 1.48 26.27 4.77
N ARG B 106 0.63 27.26 4.95
CA ARG B 106 -0.08 27.45 6.20
C ARG B 106 -1.35 26.61 6.24
N ALA B 107 -1.81 26.33 7.46
CA ALA B 107 -3.08 25.65 7.65
C ALA B 107 -4.21 26.54 7.17
N LYS B 108 -5.13 25.97 6.38
CA LYS B 108 -6.27 26.71 5.85
C LYS B 108 -7.46 25.76 5.84
N ASN B 109 -8.59 26.25 6.32
CA ASN B 109 -9.80 25.45 6.35
C ASN B 109 -10.49 25.48 4.99
N ILE B 110 -10.94 24.31 4.54
CA ILE B 110 -11.58 24.17 3.25
C ILE B 110 -12.92 23.49 3.49
N GLN B 111 -14.01 24.22 3.22
CA GLN B 111 -15.34 23.67 3.43
C GLN B 111 -15.76 22.88 2.19
N THR B 112 -16.39 21.74 2.42
CA THR B 112 -16.80 20.87 1.32
C THR B 112 -17.91 19.95 1.80
N LEU B 113 -18.69 19.46 0.84
CA LEU B 113 -19.66 18.43 1.12
C LEU B 113 -19.07 17.09 0.75
N PRO B 114 -18.82 16.20 1.69
CA PRO B 114 -18.13 14.95 1.37
C PRO B 114 -19.00 13.99 0.58
N GLY B 115 -18.33 13.18 -0.25
CA GLY B 115 -18.97 12.09 -0.95
C GLY B 115 -19.03 10.84 -0.10
N ILE B 116 -19.16 9.70 -0.77
CA ILE B 116 -19.33 8.41 -0.10
C ILE B 116 -18.39 7.39 -0.73
N PHE B 117 -17.56 6.77 0.11
CA PHE B 117 -16.84 5.56 -0.26
C PHE B 117 -17.73 4.36 0.08
N LYS B 118 -18.15 3.62 -0.94
CA LYS B 118 -19.07 2.51 -0.78
C LYS B 118 -18.28 1.20 -0.81
N THR B 119 -18.16 0.55 0.34
CA THR B 119 -17.43 -0.70 0.48
C THR B 119 -18.38 -1.81 0.90
N LYS B 120 -17.85 -3.04 0.91
CA LYS B 120 -18.64 -4.20 1.33
C LYS B 120 -18.98 -4.13 2.80
N ASP B 121 -18.20 -3.41 3.60
CA ASP B 121 -18.40 -3.31 5.04
C ASP B 121 -19.07 -2.01 5.46
N GLY B 122 -19.74 -1.33 4.53
CA GLY B 122 -20.49 -0.13 4.84
C GLY B 122 -20.01 1.05 4.02
N ASP B 123 -20.57 2.22 4.35
CA ASP B 123 -20.25 3.47 3.68
C ASP B 123 -19.44 4.36 4.61
N ILE B 124 -18.45 5.06 4.03
CA ILE B 124 -17.67 6.06 4.73
C ILE B 124 -17.65 7.33 3.88
N GLY B 125 -17.68 8.48 4.55
CA GLY B 125 -17.58 9.74 3.84
C GLY B 125 -16.24 9.90 3.14
N ALA B 126 -16.24 10.72 2.08
CA ALA B 126 -15.02 10.99 1.34
C ALA B 126 -15.07 12.41 0.80
N VAL B 127 -13.97 13.14 0.96
CA VAL B 127 -13.86 14.51 0.48
C VAL B 127 -13.00 14.52 -0.78
N ALA B 128 -13.47 15.21 -1.81
CA ALA B 128 -12.76 15.28 -3.09
C ALA B 128 -11.90 16.53 -3.15
N LEU B 129 -10.81 16.51 -2.38
CA LEU B 129 -9.87 17.62 -2.31
C LEU B 129 -8.47 17.07 -2.54
N ASP B 130 -7.72 17.74 -3.41
CA ASP B 130 -6.40 17.29 -3.84
C ASP B 130 -5.33 18.21 -3.23
N TYR B 131 -4.40 17.60 -2.50
CA TYR B 131 -3.32 18.31 -1.82
C TYR B 131 -2.08 17.44 -1.88
N PRO B 132 -0.89 18.03 -1.72
CA PRO B 132 0.33 17.23 -1.72
C PRO B 132 0.29 16.13 -0.67
N ALA B 133 1.03 15.06 -0.94
CA ALA B 133 1.03 13.90 -0.05
C ALA B 133 1.45 14.26 1.37
N GLY B 134 2.21 15.34 1.55
CA GLY B 134 2.59 15.81 2.87
C GLY B 134 1.44 16.32 3.70
N THR B 135 0.23 16.41 3.14
CA THR B 135 -0.96 16.81 3.88
C THR B 135 -1.65 15.62 4.55
N SER B 136 -1.15 14.41 4.34
CA SER B 136 -1.73 13.21 4.95
C SER B 136 -1.81 13.36 6.47
N GLY B 137 -3.00 13.12 7.02
CA GLY B 137 -3.23 13.22 8.44
C GLY B 137 -3.92 14.48 8.91
N SER B 138 -4.19 15.42 8.01
CA SER B 138 -4.88 16.64 8.39
C SER B 138 -6.30 16.32 8.85
N PRO B 139 -6.77 16.95 9.91
CA PRO B 139 -8.10 16.63 10.44
C PRO B 139 -9.24 17.17 9.58
N ILE B 140 -10.37 16.48 9.66
CA ILE B 140 -11.62 16.90 9.05
C ILE B 140 -12.60 17.17 10.18
N LEU B 141 -13.24 18.34 10.13
CA LEU B 141 -14.04 18.85 11.23
C LEU B 141 -15.52 18.91 10.88
N ASP B 142 -16.37 18.77 11.89
CA ASP B 142 -17.78 19.08 11.72
C ASP B 142 -18.04 20.52 12.16
N LYS B 143 -19.30 20.95 12.06
CA LYS B 143 -19.65 22.34 12.37
C LYS B 143 -19.35 22.72 13.81
N CYS B 144 -19.27 21.76 14.73
CA CYS B 144 -18.98 22.04 16.12
C CYS B 144 -17.50 22.03 16.43
N GLY B 145 -16.64 21.85 15.44
CA GLY B 145 -15.21 21.83 15.65
C GLY B 145 -14.65 20.47 16.01
N ARG B 146 -15.49 19.42 16.04
CA ARG B 146 -15.03 18.09 16.38
C ARG B 146 -14.24 17.47 15.24
N VAL B 147 -13.18 16.76 15.59
CA VAL B 147 -12.41 16.01 14.60
C VAL B 147 -13.22 14.76 14.25
N ILE B 148 -13.72 14.70 13.02
CA ILE B 148 -14.51 13.57 12.56
C ILE B 148 -13.73 12.60 11.71
N GLY B 149 -12.45 12.85 11.50
CA GLY B 149 -11.64 11.95 10.69
C GLY B 149 -10.36 12.61 10.25
N LEU B 150 -9.50 11.79 9.65
CA LEU B 150 -8.21 12.24 9.13
C LEU B 150 -8.19 12.11 7.61
N TYR B 151 -7.40 12.97 6.97
CA TYR B 151 -7.32 13.05 5.53
C TYR B 151 -6.00 12.48 5.06
N GLY B 152 -6.03 11.64 4.03
CA GLY B 152 -4.80 11.13 3.46
C GLY B 152 -4.83 9.69 2.98
N ASN B 153 -5.97 9.03 3.08
CA ASN B 153 -6.12 7.64 2.62
C ASN B 153 -7.32 7.58 1.67
N GLY B 154 -7.04 7.35 0.39
CA GLY B 154 -8.09 7.29 -0.62
C GLY B 154 -7.65 6.73 -1.95
N VAL B 155 -8.29 7.17 -3.04
CA VAL B 155 -8.03 6.67 -4.39
C VAL B 155 -7.87 7.84 -5.35
N VAL B 156 -7.54 7.50 -6.59
CA VAL B 156 -7.45 8.44 -7.71
C VAL B 156 -8.49 8.03 -8.74
N ILE B 157 -9.34 8.99 -9.13
CA ILE B 157 -10.48 8.66 -9.98
C ILE B 157 -10.11 8.78 -11.46
N LYS B 158 -11.10 8.67 -12.33
CA LYS B 158 -10.78 8.63 -13.75
C LYS B 158 -10.11 9.92 -14.25
N ASN B 159 -10.65 11.10 -14.00
CA ASN B 159 -9.81 12.24 -14.41
C ASN B 159 -8.47 12.37 -13.61
N GLY B 160 -8.30 11.66 -12.47
CA GLY B 160 -7.00 11.62 -11.87
C GLY B 160 -6.82 12.53 -10.68
N SER B 161 -7.85 13.29 -10.33
CA SER B 161 -7.82 14.00 -9.06
C SER B 161 -7.87 12.97 -7.93
N TYR B 162 -7.69 13.45 -6.71
CA TYR B 162 -7.61 12.60 -5.52
C TYR B 162 -8.84 12.78 -4.64
N VAL B 163 -9.37 11.66 -4.16
CA VAL B 163 -10.51 11.64 -3.25
C VAL B 163 -10.12 10.82 -2.02
N SER B 164 -10.06 11.47 -0.86
CA SER B 164 -9.63 10.84 0.39
C SER B 164 -10.83 10.44 1.24
N ALA B 165 -10.74 9.26 1.87
CA ALA B 165 -11.73 8.84 2.83
C ALA B 165 -11.65 9.69 4.11
N ILE B 166 -12.74 9.68 4.86
CA ILE B 166 -12.77 10.30 6.20
C ILE B 166 -12.46 9.18 7.19
N THR B 167 -11.18 9.05 7.54
CA THR B 167 -10.70 7.96 8.37
C THR B 167 -10.77 8.35 9.84
N GLN B 168 -11.60 7.65 10.60
CA GLN B 168 -11.78 7.88 12.02
C GLN B 168 -11.52 6.60 12.80
N GLY B 169 -10.89 6.74 13.96
CA GLY B 169 -10.61 5.62 14.83
C GLY B 169 -11.76 5.33 15.78
N LYS B 170 -11.48 4.47 16.76
CA LYS B 170 -12.44 4.06 17.77
C LYS B 170 -11.91 4.40 19.15
N ARG B 171 -12.63 5.24 19.89
CA ARG B 171 -12.31 5.45 21.28
C ARG B 171 -12.89 4.33 22.14
N GLU B 172 -12.32 4.15 23.32
CA GLU B 172 -12.61 3.01 24.19
C GLU B 172 -12.21 1.71 23.51
N MET C 8 4.99 44.14 -4.24
CA MET C 8 5.29 42.75 -4.55
C MET C 8 6.74 42.58 -4.99
N TYR C 9 7.26 41.36 -4.87
CA TYR C 9 8.63 41.10 -5.27
C TYR C 9 8.76 39.68 -5.80
N ILE C 10 9.88 39.42 -6.48
CA ILE C 10 10.15 38.13 -7.08
C ILE C 10 11.45 37.57 -6.51
N GLU C 11 11.51 36.24 -6.43
CA GLU C 11 12.71 35.53 -6.03
C GLU C 11 12.79 34.25 -6.87
N ARG C 12 14.01 33.88 -7.26
CA ARG C 12 14.19 32.79 -8.21
C ARG C 12 13.75 31.46 -7.61
N ALA C 13 13.18 30.61 -8.46
CA ALA C 13 12.69 29.30 -8.06
C ALA C 13 13.34 28.15 -8.79
N GLY C 14 14.05 28.40 -9.88
CA GLY C 14 14.75 27.34 -10.57
C GLY C 14 14.98 27.70 -12.03
N ASP C 15 15.57 26.73 -12.73
CA ASP C 15 15.85 26.86 -14.16
C ASP C 15 14.63 26.41 -14.97
N ILE C 16 14.53 26.94 -16.18
CA ILE C 16 13.51 26.51 -17.13
C ILE C 16 14.10 25.32 -17.88
N THR C 17 13.71 24.11 -17.48
CA THR C 17 14.33 22.92 -18.03
C THR C 17 13.35 21.75 -18.03
N TRP C 18 13.42 20.95 -19.10
CA TRP C 18 12.67 19.71 -19.19
C TRP C 18 13.42 18.62 -18.43
N GLU C 19 12.66 17.80 -17.71
CA GLU C 19 13.23 16.69 -16.94
C GLU C 19 12.71 15.39 -17.53
N LYS C 20 13.64 14.46 -17.79
CA LYS C 20 13.28 13.19 -18.40
C LYS C 20 12.68 12.22 -17.40
N ASP C 21 13.03 12.36 -16.11
CA ASP C 21 12.43 11.59 -15.03
C ASP C 21 11.16 12.25 -14.50
N ALA C 22 10.39 12.90 -15.36
CA ALA C 22 9.22 13.67 -14.93
C ALA C 22 8.02 12.77 -14.70
N GLU C 23 7.29 13.06 -13.63
CA GLU C 23 6.04 12.37 -13.35
C GLU C 23 5.00 12.73 -14.41
N VAL C 24 4.30 11.72 -14.92
CA VAL C 24 3.33 11.89 -16.00
C VAL C 24 1.94 11.67 -15.44
N THR C 25 1.08 12.69 -15.58
CA THR C 25 -0.28 12.63 -15.06
C THR C 25 -1.15 13.54 -15.92
N GLY C 26 -2.45 13.51 -15.67
CA GLY C 26 -3.35 14.42 -16.33
C GLY C 26 -3.97 13.91 -17.61
N ASN C 27 -5.25 14.22 -17.82
CA ASN C 27 -5.98 13.79 -19.00
C ASN C 27 -5.83 14.81 -20.13
N SER C 28 -6.53 14.59 -21.23
CA SER C 28 -6.42 15.43 -22.42
C SER C 28 -7.82 15.84 -22.87
N PRO C 29 -8.55 16.59 -22.05
CA PRO C 29 -9.96 16.85 -22.33
C PRO C 29 -10.12 17.87 -23.44
N ARG C 30 -11.17 17.68 -24.23
CA ARG C 30 -11.52 18.60 -25.31
C ARG C 30 -12.77 19.36 -24.87
N LEU C 31 -12.63 20.67 -24.68
CA LEU C 31 -13.68 21.49 -24.11
C LEU C 31 -13.97 22.67 -25.02
N ASP C 32 -15.25 22.94 -25.25
CA ASP C 32 -15.69 24.12 -25.99
C ASP C 32 -15.86 25.27 -25.01
N VAL C 33 -15.02 26.30 -25.16
CA VAL C 33 -14.98 27.41 -24.22
C VAL C 33 -15.17 28.70 -24.99
N ALA C 34 -15.60 29.74 -24.27
CA ALA C 34 -15.71 31.09 -24.80
C ALA C 34 -14.91 32.02 -23.91
N LEU C 35 -14.12 32.90 -24.52
CA LEU C 35 -13.29 33.85 -23.79
C LEU C 35 -13.91 35.22 -23.95
N ASP C 36 -14.39 35.78 -22.84
CA ASP C 36 -15.03 37.08 -22.83
C ASP C 36 -13.99 38.20 -22.73
N GLU C 37 -14.49 39.42 -22.64
CA GLU C 37 -13.62 40.59 -22.55
C GLU C 37 -12.85 40.62 -21.24
N SER C 38 -13.34 39.93 -20.20
CA SER C 38 -12.70 39.87 -18.90
C SER C 38 -11.45 39.00 -18.87
N GLY C 39 -11.17 38.25 -19.94
CA GLY C 39 -10.04 37.36 -19.93
C GLY C 39 -10.28 36.08 -19.18
N ASP C 40 -11.52 35.84 -18.77
CA ASP C 40 -11.92 34.64 -18.06
C ASP C 40 -12.61 33.70 -19.03
N PHE C 41 -12.25 32.43 -18.97
CA PHE C 41 -12.85 31.43 -19.83
C PHE C 41 -14.17 30.94 -19.25
N SER C 42 -15.08 30.53 -20.14
CA SER C 42 -16.41 30.09 -19.76
C SER C 42 -16.79 28.86 -20.54
N LEU C 43 -17.51 27.94 -19.89
CA LEU C 43 -17.90 26.68 -20.51
C LEU C 43 -19.12 26.89 -21.41
N VAL C 44 -19.15 26.15 -22.51
CA VAL C 44 -20.24 26.27 -23.48
C VAL C 44 -21.09 25.00 -23.47
N GLU D 18 18.29 40.79 -9.80
CA GLU D 18 18.76 39.71 -10.66
C GLU D 18 17.81 39.46 -11.82
N THR D 19 18.34 39.58 -13.04
CA THR D 19 17.57 39.32 -14.25
C THR D 19 17.98 38.00 -14.91
N THR D 20 18.45 37.05 -14.11
CA THR D 20 18.87 35.76 -14.63
C THR D 20 17.67 34.99 -15.19
N ASP D 21 17.87 34.35 -16.34
CA ASP D 21 16.82 33.53 -16.92
C ASP D 21 16.38 32.45 -15.94
N GLY D 22 15.09 32.15 -15.93
CA GLY D 22 14.57 31.10 -15.08
C GLY D 22 13.19 31.45 -14.59
N VAL D 23 12.69 30.62 -13.66
CA VAL D 23 11.34 30.74 -13.12
C VAL D 23 11.42 31.39 -11.75
N TYR D 24 10.45 32.26 -11.46
CA TYR D 24 10.45 33.07 -10.25
C TYR D 24 9.07 33.03 -9.59
N ARG D 25 9.07 33.12 -8.27
CA ARG D 25 7.84 33.32 -7.52
C ARG D 25 7.53 34.80 -7.41
N VAL D 26 6.24 35.13 -7.37
CA VAL D 26 5.76 36.49 -7.17
C VAL D 26 5.15 36.54 -5.77
N MET D 27 5.76 37.30 -4.87
CA MET D 27 5.43 37.33 -3.46
C MET D 27 4.79 38.65 -3.07
N THR D 28 4.10 38.65 -1.93
CA THR D 28 3.38 39.83 -1.49
C THR D 28 3.62 40.09 0.00
N ARG D 29 3.37 41.34 0.39
CA ARG D 29 3.51 41.83 1.75
C ARG D 29 2.19 42.28 2.36
N ARG D 30 1.29 42.84 1.54
CA ARG D 30 -0.02 43.33 2.00
C ARG D 30 -0.67 42.42 3.02
N LEU D 31 -0.78 41.13 2.71
CA LEU D 31 -1.52 40.21 3.56
C LEU D 31 -0.60 39.65 4.63
N LEU D 32 -1.09 38.70 5.43
CA LEU D 32 -0.32 38.18 6.55
C LEU D 32 0.91 37.44 6.05
N GLY D 33 2.08 37.83 6.56
CA GLY D 33 3.27 37.11 6.16
C GLY D 33 3.61 37.37 4.70
N SER D 34 4.53 36.57 4.19
CA SER D 34 4.91 36.59 2.78
C SER D 34 4.04 35.58 2.05
N THR D 35 3.29 36.05 1.06
CA THR D 35 2.31 35.24 0.34
C THR D 35 2.65 35.22 -1.14
N GLN D 36 2.60 34.04 -1.75
CA GLN D 36 2.91 33.87 -3.17
C GLN D 36 1.61 33.99 -3.97
N VAL D 37 1.47 35.12 -4.68
CA VAL D 37 0.28 35.33 -5.49
C VAL D 37 0.40 34.66 -6.86
N GLY D 38 1.62 34.47 -7.35
CA GLY D 38 1.77 33.85 -8.66
C GLY D 38 3.21 33.52 -8.96
N VAL D 39 3.44 33.19 -10.24
CA VAL D 39 4.74 32.74 -10.73
C VAL D 39 5.00 33.45 -12.06
N GLY D 40 6.28 33.57 -12.42
CA GLY D 40 6.65 34.22 -13.65
C GLY D 40 7.89 33.61 -14.27
N VAL D 41 8.18 34.04 -15.50
CA VAL D 41 9.33 33.59 -16.27
C VAL D 41 10.16 34.81 -16.65
N MET D 42 11.47 34.72 -16.41
CA MET D 42 12.42 35.75 -16.85
C MET D 42 13.19 35.21 -18.06
N GLN D 43 13.12 35.93 -19.17
CA GLN D 43 13.85 35.55 -20.36
C GLN D 43 14.23 36.79 -21.15
N GLU D 44 15.50 36.88 -21.53
CA GLU D 44 16.02 37.99 -22.33
C GLU D 44 15.75 39.34 -21.65
N GLY D 45 15.82 39.35 -20.32
CA GLY D 45 15.62 40.57 -19.56
C GLY D 45 14.18 40.98 -19.37
N VAL D 46 13.22 40.16 -19.79
CA VAL D 46 11.80 40.46 -19.67
C VAL D 46 11.16 39.43 -18.74
N PHE D 47 10.34 39.91 -17.81
CA PHE D 47 9.63 39.05 -16.88
C PHE D 47 8.21 38.84 -17.39
N HIS D 48 7.83 37.58 -17.60
CA HIS D 48 6.53 37.21 -18.12
C HIS D 48 5.73 36.54 -17.02
N THR D 49 4.55 37.08 -16.73
CA THR D 49 3.62 36.46 -15.79
C THR D 49 2.20 36.74 -16.26
N MET D 50 1.22 36.35 -15.45
CA MET D 50 -0.17 36.55 -15.78
C MET D 50 -0.68 37.85 -15.17
N TRP D 51 -1.67 38.46 -15.82
CA TRP D 51 -2.14 39.77 -15.39
C TRP D 51 -2.78 39.69 -14.01
N HIS D 52 -3.65 38.71 -13.78
CA HIS D 52 -4.35 38.61 -12.51
C HIS D 52 -3.41 38.37 -11.33
N VAL D 53 -2.16 38.00 -11.60
CA VAL D 53 -1.18 37.85 -10.53
C VAL D 53 -0.76 39.22 -10.01
N THR D 54 -0.29 40.08 -10.93
CA THR D 54 0.26 41.38 -10.56
C THR D 54 -0.71 42.53 -10.76
N LYS D 55 -1.78 42.34 -11.54
CA LYS D 55 -2.69 43.41 -11.97
C LYS D 55 -1.90 44.61 -12.49
N GLY D 56 -0.82 44.34 -13.21
CA GLY D 56 -0.01 45.39 -13.79
C GLY D 56 0.87 46.16 -12.82
N ALA D 57 0.89 45.78 -11.55
CA ALA D 57 1.69 46.50 -10.57
C ALA D 57 3.18 46.32 -10.85
N ALA D 58 3.96 47.27 -10.36
CA ALA D 58 5.41 47.18 -10.46
C ALA D 58 5.93 46.06 -9.55
N LEU D 59 7.12 45.58 -9.87
CA LEU D 59 7.71 44.47 -9.14
C LEU D 59 9.06 44.87 -8.55
N ARG D 60 9.42 44.21 -7.46
CA ARG D 60 10.69 44.41 -6.79
C ARG D 60 11.60 43.21 -7.06
N SER D 61 12.87 43.50 -7.35
CA SER D 61 13.89 42.47 -7.58
C SER D 61 15.08 42.82 -6.69
N GLY D 62 14.95 42.53 -5.40
CA GLY D 62 15.97 42.90 -4.44
C GLY D 62 16.04 44.41 -4.27
N GLU D 63 17.07 45.03 -4.84
CA GLU D 63 17.21 46.48 -4.81
C GLU D 63 16.73 47.16 -6.09
N GLY D 64 16.66 46.44 -7.20
CA GLY D 64 16.19 47.02 -8.45
C GLY D 64 14.69 47.06 -8.53
N ARG D 65 14.21 47.56 -9.67
CA ARG D 65 12.79 47.68 -9.91
C ARG D 65 12.47 47.30 -11.35
N LEU D 66 11.37 46.58 -11.53
CA LEU D 66 10.89 46.18 -12.85
C LEU D 66 9.54 46.83 -13.07
N ASP D 67 9.44 47.59 -14.16
CA ASP D 67 8.22 48.32 -14.49
C ASP D 67 7.46 47.63 -15.62
N PRO D 68 6.13 47.59 -15.53
CA PRO D 68 5.34 46.99 -16.61
C PRO D 68 5.58 47.70 -17.94
N TYR D 69 5.64 46.91 -19.00
CA TYR D 69 5.88 47.40 -20.35
C TYR D 69 4.68 47.15 -21.26
N TRP D 70 4.13 45.94 -21.24
CA TRP D 70 2.96 45.58 -22.03
C TRP D 70 2.08 44.66 -21.21
N GLY D 71 0.78 44.76 -21.45
CA GLY D 71 -0.16 43.88 -20.77
C GLY D 71 -1.49 43.86 -21.49
N ASP D 72 -2.23 42.78 -21.27
CA ASP D 72 -3.55 42.61 -21.87
C ASP D 72 -4.40 41.78 -20.92
N VAL D 73 -5.53 42.33 -20.50
CA VAL D 73 -6.39 41.65 -19.53
C VAL D 73 -7.06 40.45 -20.18
N LYS D 74 -7.54 40.59 -21.42
CA LYS D 74 -8.22 39.48 -22.07
C LYS D 74 -7.28 38.31 -22.29
N GLN D 75 -6.04 38.58 -22.71
CA GLN D 75 -5.04 37.53 -22.81
C GLN D 75 -4.55 37.08 -21.44
N ASP D 76 -4.77 37.90 -20.40
CA ASP D 76 -4.28 37.62 -19.06
C ASP D 76 -2.76 37.46 -19.04
N LEU D 77 -2.07 38.37 -19.72
CA LEU D 77 -0.62 38.36 -19.82
C LEU D 77 -0.09 39.76 -19.55
N VAL D 78 1.16 39.81 -19.07
CA VAL D 78 1.84 41.07 -18.82
C VAL D 78 3.35 40.82 -18.90
N SER D 79 4.08 41.81 -19.41
CA SER D 79 5.53 41.74 -19.52
C SER D 79 6.16 42.94 -18.83
N TYR D 80 7.36 42.75 -18.31
CA TYR D 80 8.07 43.79 -17.59
C TYR D 80 9.42 44.08 -18.24
N CYS D 81 9.79 45.36 -18.26
CA CYS D 81 11.08 45.83 -18.78
C CYS D 81 11.26 45.57 -20.27
N GLY D 82 10.24 45.07 -20.96
CA GLY D 82 10.34 44.87 -22.38
C GLY D 82 9.13 44.17 -22.98
N PRO D 83 9.19 43.91 -24.28
CA PRO D 83 8.09 43.19 -24.94
C PRO D 83 8.09 41.71 -24.62
N TRP D 84 6.95 41.08 -24.90
CA TRP D 84 6.82 39.64 -24.73
C TRP D 84 7.84 38.90 -25.59
N LYS D 85 8.64 38.05 -24.96
CA LYS D 85 9.72 37.36 -25.63
C LYS D 85 9.42 35.89 -25.94
N LEU D 86 8.48 35.27 -25.24
CA LEU D 86 8.20 33.84 -25.43
C LEU D 86 7.35 33.64 -26.67
N ASP D 87 7.90 32.89 -27.64
CA ASP D 87 7.26 32.72 -28.94
C ASP D 87 6.98 31.28 -29.34
N ALA D 88 7.45 30.29 -28.58
CA ALA D 88 7.18 28.89 -28.91
C ALA D 88 5.70 28.58 -28.73
N ALA D 89 5.25 27.53 -29.42
CA ALA D 89 3.87 27.11 -29.34
C ALA D 89 3.78 25.58 -29.28
N TRP D 90 2.63 25.11 -28.80
CA TRP D 90 2.32 23.69 -28.78
C TRP D 90 2.15 23.15 -30.20
N ASP D 91 2.93 22.13 -30.54
CA ASP D 91 2.74 21.41 -31.80
C ASP D 91 1.36 20.78 -31.93
N GLY D 92 0.60 20.65 -30.84
CA GLY D 92 -0.69 20.02 -30.86
C GLY D 92 -0.65 18.53 -30.53
N LEU D 93 0.40 17.84 -30.94
CA LEU D 93 0.54 16.40 -30.78
C LEU D 93 1.24 15.99 -29.50
N SER D 94 2.40 16.58 -29.21
CA SER D 94 3.26 16.13 -28.12
C SER D 94 2.67 16.36 -26.74
N GLU D 95 3.22 15.60 -25.78
CA GLU D 95 3.06 15.93 -24.37
C GLU D 95 3.89 17.17 -24.03
N VAL D 96 3.48 17.86 -22.97
CA VAL D 96 4.20 19.04 -22.50
C VAL D 96 4.64 18.80 -21.07
N GLN D 97 5.35 19.78 -20.49
CA GLN D 97 5.70 19.75 -19.07
C GLN D 97 5.29 21.06 -18.42
N LEU D 98 4.51 20.95 -17.34
CA LEU D 98 4.19 22.10 -16.50
C LEU D 98 5.20 22.15 -15.35
N LEU D 99 6.05 23.18 -15.34
CA LEU D 99 6.98 23.39 -14.23
C LEU D 99 6.25 24.20 -13.17
N ALA D 100 5.46 23.50 -12.36
CA ALA D 100 4.66 24.15 -11.33
C ALA D 100 5.55 24.60 -10.19
N VAL D 101 5.42 25.85 -9.78
CA VAL D 101 6.12 26.39 -8.62
C VAL D 101 5.06 26.76 -7.59
N PRO D 102 4.57 25.81 -6.81
CA PRO D 102 3.51 26.10 -5.85
C PRO D 102 4.03 26.95 -4.72
N PRO D 103 3.16 27.72 -4.07
CA PRO D 103 3.60 28.56 -2.95
C PRO D 103 4.17 27.71 -1.82
N GLY D 104 5.34 28.10 -1.33
CA GLY D 104 5.94 27.38 -0.22
C GLY D 104 6.44 25.99 -0.53
N GLU D 105 6.42 25.59 -1.81
CA GLU D 105 6.87 24.27 -2.23
C GLU D 105 7.88 24.43 -3.35
N ARG D 106 8.57 23.33 -3.66
CA ARG D 106 9.66 23.40 -4.63
C ARG D 106 9.14 23.32 -6.05
N ALA D 107 9.98 23.77 -6.98
CA ALA D 107 9.68 23.65 -8.40
C ALA D 107 9.64 22.20 -8.79
N LYS D 108 8.60 21.82 -9.53
CA LYS D 108 8.45 20.43 -9.95
C LYS D 108 7.89 20.38 -11.37
N ASN D 109 8.51 19.57 -12.21
CA ASN D 109 8.06 19.35 -13.57
C ASN D 109 7.00 18.26 -13.58
N ILE D 110 5.92 18.49 -14.31
CA ILE D 110 4.82 17.55 -14.44
C ILE D 110 4.52 17.39 -15.91
N GLN D 111 4.72 16.19 -16.43
CA GLN D 111 4.46 15.88 -17.83
C GLN D 111 3.00 15.50 -18.02
N THR D 112 2.40 15.97 -19.12
CA THR D 112 1.01 15.71 -19.40
C THR D 112 0.76 15.91 -20.89
N LEU D 113 -0.30 15.29 -21.39
CA LEU D 113 -0.75 15.54 -22.75
C LEU D 113 -1.88 16.54 -22.71
N PRO D 114 -1.71 17.73 -23.29
CA PRO D 114 -2.73 18.77 -23.15
C PRO D 114 -3.99 18.47 -23.94
N GLY D 115 -5.11 18.95 -23.42
CA GLY D 115 -6.36 18.92 -24.12
C GLY D 115 -6.52 20.12 -25.02
N ILE D 116 -7.77 20.46 -25.34
CA ILE D 116 -8.07 21.53 -26.28
C ILE D 116 -9.16 22.42 -25.69
N PHE D 117 -8.88 23.71 -25.58
CA PHE D 117 -9.92 24.73 -25.38
C PHE D 117 -10.40 25.15 -26.77
N LYS D 118 -11.66 24.85 -27.08
CA LYS D 118 -12.21 25.13 -28.40
C LYS D 118 -13.10 26.36 -28.34
N THR D 119 -12.65 27.44 -28.97
CA THR D 119 -13.39 28.70 -29.02
C THR D 119 -13.77 28.99 -30.47
N LYS D 120 -14.60 30.02 -30.64
CA LYS D 120 -15.02 30.38 -31.99
C LYS D 120 -13.87 30.90 -32.85
N ASP D 121 -12.81 31.43 -32.24
CA ASP D 121 -11.69 31.99 -32.98
C ASP D 121 -10.48 31.06 -32.99
N GLY D 122 -10.68 29.77 -32.77
CA GLY D 122 -9.63 28.79 -32.89
C GLY D 122 -9.49 27.95 -31.64
N ASP D 123 -8.49 27.06 -31.67
CA ASP D 123 -8.22 26.12 -30.59
C ASP D 123 -6.92 26.46 -29.89
N ILE D 124 -6.90 26.29 -28.57
CA ILE D 124 -5.70 26.42 -27.77
C ILE D 124 -5.56 25.18 -26.89
N GLY D 125 -4.32 24.78 -26.64
CA GLY D 125 -4.07 23.67 -25.73
C GLY D 125 -4.51 23.98 -24.31
N ALA D 126 -4.78 22.92 -23.57
CA ALA D 126 -5.21 23.06 -22.18
C ALA D 126 -4.70 21.89 -21.36
N VAL D 127 -4.15 22.18 -20.19
CA VAL D 127 -3.61 21.17 -19.28
C VAL D 127 -4.61 20.96 -18.14
N ALA D 128 -4.90 19.69 -17.85
CA ALA D 128 -5.83 19.34 -16.79
C ALA D 128 -5.05 19.01 -15.51
N LEU D 129 -4.47 20.05 -14.92
CA LEU D 129 -3.69 19.93 -13.70
C LEU D 129 -4.18 20.97 -12.71
N ASP D 130 -4.40 20.53 -11.46
CA ASP D 130 -4.99 21.38 -10.42
C ASP D 130 -3.91 21.74 -9.40
N TYR D 131 -3.72 23.05 -9.20
CA TYR D 131 -2.72 23.54 -8.28
C TYR D 131 -3.25 24.80 -7.62
N PRO D 132 -2.71 25.19 -6.46
CA PRO D 132 -3.19 26.41 -5.78
C PRO D 132 -3.10 27.63 -6.68
N ALA D 133 -3.96 28.61 -6.40
CA ALA D 133 -4.00 29.82 -7.22
C ALA D 133 -2.66 30.53 -7.24
N GLY D 134 -1.84 30.36 -6.21
CA GLY D 134 -0.51 30.95 -6.18
C GLY D 134 0.48 30.38 -7.20
N THR D 135 0.11 29.32 -7.91
CA THR D 135 0.95 28.78 -8.97
C THR D 135 0.68 29.42 -10.33
N SER D 136 -0.30 30.32 -10.42
CA SER D 136 -0.63 30.97 -11.68
C SER D 136 0.62 31.63 -12.28
N GLY D 137 0.87 31.33 -13.55
CA GLY D 137 2.04 31.84 -14.23
C GLY D 137 3.18 30.86 -14.38
N SER D 138 3.03 29.64 -13.87
CA SER D 138 4.08 28.64 -14.05
C SER D 138 4.24 28.32 -15.53
N PRO D 139 5.45 28.18 -16.02
CA PRO D 139 5.65 27.95 -17.46
C PRO D 139 5.30 26.53 -17.87
N ILE D 140 4.89 26.42 -19.13
CA ILE D 140 4.66 25.12 -19.77
C ILE D 140 5.68 24.98 -20.89
N LEU D 141 6.39 23.85 -20.90
CA LEU D 141 7.53 23.65 -21.77
C LEU D 141 7.25 22.57 -22.80
N ASP D 142 7.91 22.68 -23.96
CA ASP D 142 7.94 21.60 -24.93
C ASP D 142 9.18 20.75 -24.70
N LYS D 143 9.33 19.69 -25.53
CA LYS D 143 10.42 18.75 -25.33
C LYS D 143 11.79 19.40 -25.44
N CYS D 144 11.90 20.53 -26.14
CA CYS D 144 13.18 21.24 -26.27
C CYS D 144 13.40 22.26 -25.16
N GLY D 145 12.50 22.36 -24.20
CA GLY D 145 12.65 23.27 -23.08
C GLY D 145 12.13 24.67 -23.30
N ARG D 146 11.56 24.96 -24.46
CA ARG D 146 11.03 26.28 -24.76
C ARG D 146 9.72 26.52 -24.01
N VAL D 147 9.54 27.75 -23.54
CA VAL D 147 8.30 28.14 -22.86
C VAL D 147 7.23 28.34 -23.94
N ILE D 148 6.22 27.46 -23.93
CA ILE D 148 5.15 27.52 -24.91
C ILE D 148 3.88 28.14 -24.36
N GLY D 149 3.88 28.57 -23.11
CA GLY D 149 2.69 29.17 -22.53
C GLY D 149 2.77 29.20 -21.01
N LEU D 150 1.81 29.91 -20.43
CA LEU D 150 1.70 30.05 -18.99
C LEU D 150 0.44 29.37 -18.48
N TYR D 151 0.50 28.92 -17.22
CA TYR D 151 -0.56 28.16 -16.57
C TYR D 151 -1.25 29.05 -15.54
N GLY D 152 -2.57 29.05 -15.54
CA GLY D 152 -3.30 29.76 -14.51
C GLY D 152 -4.58 30.46 -14.93
N ASN D 153 -4.95 30.35 -16.21
CA ASN D 153 -6.19 30.92 -16.72
C ASN D 153 -6.97 29.83 -17.42
N GLY D 154 -8.11 29.44 -16.84
CA GLY D 154 -8.90 28.36 -17.39
C GLY D 154 -10.30 28.28 -16.81
N VAL D 155 -10.86 27.06 -16.74
CA VAL D 155 -12.22 26.86 -16.27
C VAL D 155 -12.24 25.77 -15.22
N VAL D 156 -13.41 25.60 -14.60
CA VAL D 156 -13.71 24.52 -13.70
C VAL D 156 -14.86 23.75 -14.30
N ILE D 157 -14.62 22.47 -14.63
CA ILE D 157 -15.63 21.70 -15.34
C ILE D 157 -16.48 20.95 -14.33
N LYS D 158 -17.29 20.01 -14.81
CA LYS D 158 -18.30 19.37 -13.96
C LYS D 158 -17.73 18.82 -12.65
N ASN D 159 -16.55 18.17 -12.72
CA ASN D 159 -15.99 17.42 -11.60
C ASN D 159 -15.68 18.36 -10.45
N GLY D 160 -15.29 19.59 -10.76
CA GLY D 160 -14.72 20.54 -9.81
C GLY D 160 -13.23 20.76 -9.94
N SER D 161 -12.55 19.99 -10.77
CA SER D 161 -11.15 20.27 -11.05
C SER D 161 -10.97 21.51 -11.92
N TYR D 162 -9.70 21.82 -12.15
CA TYR D 162 -9.24 23.00 -12.88
C TYR D 162 -8.55 22.55 -14.15
N VAL D 163 -8.88 23.17 -15.27
CA VAL D 163 -8.23 22.92 -16.56
C VAL D 163 -7.77 24.27 -17.06
N SER D 164 -6.47 24.47 -17.15
CA SER D 164 -5.88 25.74 -17.52
C SER D 164 -5.50 25.76 -18.99
N ALA D 165 -5.78 26.88 -19.66
CA ALA D 165 -5.32 27.06 -21.02
C ALA D 165 -3.81 27.21 -21.03
N ILE D 166 -3.22 26.96 -22.19
CA ILE D 166 -1.80 27.25 -22.43
C ILE D 166 -1.77 28.65 -23.04
N THR D 167 -1.60 29.65 -22.18
CA THR D 167 -1.69 31.04 -22.58
C THR D 167 -0.33 31.52 -23.08
N GLN D 168 -0.26 31.86 -24.36
CA GLN D 168 0.96 32.32 -25.00
C GLN D 168 0.73 33.68 -25.63
N GLY D 169 1.73 34.55 -25.54
CA GLY D 169 1.66 35.87 -26.14
C GLY D 169 2.14 35.89 -27.57
N LYS D 170 2.29 37.09 -28.10
CA LYS D 170 2.75 37.33 -29.47
C LYS D 170 4.00 38.18 -29.43
N ARG D 171 5.10 37.64 -29.93
CA ARG D 171 6.37 38.37 -29.97
C ARG D 171 6.36 39.43 -31.06
N MET E 8 16.22 -6.35 16.48
CA MET E 8 15.78 -7.64 16.98
C MET E 8 15.49 -8.60 15.85
N TYR E 9 15.50 -9.89 16.17
CA TYR E 9 15.19 -10.93 15.20
C TYR E 9 14.51 -12.09 15.91
N ILE E 10 13.89 -12.96 15.12
CA ILE E 10 13.14 -14.10 15.64
C ILE E 10 13.75 -15.39 15.12
N GLU E 11 13.66 -16.44 15.94
CA GLU E 11 14.12 -17.76 15.55
C GLU E 11 13.17 -18.81 16.13
N ARG E 12 12.94 -19.87 15.36
CA ARG E 12 11.93 -20.85 15.72
C ARG E 12 12.34 -21.61 16.99
N ALA E 13 11.35 -21.94 17.82
CA ALA E 13 11.59 -22.65 19.06
C ALA E 13 10.85 -23.97 19.19
N GLY E 14 9.85 -24.23 18.34
CA GLY E 14 9.16 -25.50 18.39
C GLY E 14 7.77 -25.38 17.80
N ASP E 15 7.05 -26.50 17.86
CA ASP E 15 5.67 -26.55 17.41
C ASP E 15 4.74 -26.13 18.54
N ILE E 16 3.59 -25.57 18.16
CA ILE E 16 2.53 -25.23 19.11
C ILE E 16 1.66 -26.47 19.24
N THR E 17 1.87 -27.25 20.31
CA THR E 17 1.19 -28.52 20.46
C THR E 17 1.03 -28.85 21.94
N TRP E 18 -0.09 -29.48 22.27
CA TRP E 18 -0.33 -29.98 23.62
C TRP E 18 0.41 -31.30 23.80
N GLU E 19 1.04 -31.46 24.97
CA GLU E 19 1.79 -32.66 25.30
C GLU E 19 1.12 -33.35 26.47
N LYS E 20 0.89 -34.65 26.34
CA LYS E 20 0.19 -35.39 27.40
C LYS E 20 1.10 -35.75 28.55
N ASP E 21 2.41 -35.90 28.30
CA ASP E 21 3.39 -36.12 29.35
C ASP E 21 3.89 -34.81 29.96
N ALA E 22 3.03 -33.80 30.03
CA ALA E 22 3.43 -32.47 30.48
C ALA E 22 3.46 -32.38 32.00
N GLU E 23 4.47 -31.68 32.52
CA GLU E 23 4.56 -31.41 33.95
C GLU E 23 3.41 -30.52 34.40
N VAL E 24 2.75 -30.91 35.49
CA VAL E 24 1.57 -30.21 35.98
C VAL E 24 1.93 -29.58 37.33
N THR E 25 1.82 -28.26 37.39
CA THR E 25 2.15 -27.52 38.61
C THR E 25 1.35 -26.22 38.61
N GLY E 26 1.43 -25.50 39.73
CA GLY E 26 0.80 -24.19 39.83
C GLY E 26 -0.60 -24.20 40.41
N ASN E 27 -0.91 -23.20 41.23
CA ASN E 27 -2.21 -23.10 41.89
C ASN E 27 -3.19 -22.31 41.02
N SER E 28 -4.38 -22.05 41.58
CA SER E 28 -5.48 -21.42 40.86
C SER E 28 -6.02 -20.24 41.66
N PRO E 29 -5.22 -19.19 41.82
CA PRO E 29 -5.61 -18.11 42.74
C PRO E 29 -6.71 -17.22 42.17
N ARG E 30 -7.53 -16.69 43.08
CA ARG E 30 -8.57 -15.73 42.74
C ARG E 30 -8.13 -14.36 43.22
N LEU E 31 -7.90 -13.45 42.29
CA LEU E 31 -7.33 -12.14 42.58
C LEU E 31 -8.19 -11.02 42.01
N ASP E 32 -8.41 -9.99 42.83
CA ASP E 32 -9.06 -8.76 42.36
C ASP E 32 -7.97 -7.80 41.90
N VAL E 33 -7.95 -7.50 40.60
CA VAL E 33 -6.91 -6.68 40.00
C VAL E 33 -7.54 -5.51 39.26
N ALA E 34 -6.72 -4.49 39.01
CA ALA E 34 -7.10 -3.33 38.22
C ALA E 34 -6.11 -3.13 37.09
N LEU E 35 -6.63 -2.87 35.89
CA LEU E 35 -5.81 -2.66 34.70
C LEU E 35 -5.89 -1.19 34.32
N ASP E 36 -4.75 -0.49 34.39
CA ASP E 36 -4.70 0.93 34.08
C ASP E 36 -4.52 1.16 32.59
N GLU E 37 -4.42 2.44 32.21
CA GLU E 37 -4.25 2.79 30.81
C GLU E 37 -2.90 2.36 30.26
N SER E 38 -1.89 2.21 31.13
CA SER E 38 -0.58 1.76 30.71
C SER E 38 -0.51 0.26 30.43
N GLY E 39 -1.57 -0.49 30.72
CA GLY E 39 -1.52 -1.93 30.52
C GLY E 39 -0.91 -2.71 31.67
N ASP E 40 -0.72 -2.08 32.82
CA ASP E 40 -0.13 -2.73 33.98
C ASP E 40 -1.21 -3.18 34.94
N PHE E 41 -1.11 -4.42 35.41
CA PHE E 41 -2.04 -4.94 36.39
C PHE E 41 -1.58 -4.53 37.79
N SER E 42 -2.55 -4.33 38.68
CA SER E 42 -2.28 -3.93 40.05
C SER E 42 -3.27 -4.65 40.96
N LEU E 43 -2.80 -5.04 42.14
CA LEU E 43 -3.67 -5.77 43.06
C LEU E 43 -4.55 -4.79 43.83
N VAL E 44 -5.77 -5.25 44.12
CA VAL E 44 -6.74 -4.42 44.81
C VAL E 44 -7.01 -4.95 46.20
N THR F 19 7.86 -17.76 7.40
CA THR F 19 6.55 -17.54 8.01
C THR F 19 5.93 -18.86 8.47
N THR F 20 6.77 -19.77 8.94
CA THR F 20 6.29 -21.08 9.35
C THR F 20 5.56 -20.99 10.69
N ASP F 21 4.44 -21.69 10.78
CA ASP F 21 3.68 -21.76 12.03
C ASP F 21 4.55 -22.34 13.14
N GLY F 22 4.36 -21.84 14.35
CA GLY F 22 5.06 -22.36 15.50
C GLY F 22 5.40 -21.26 16.46
N VAL F 23 6.20 -21.62 17.47
CA VAL F 23 6.61 -20.71 18.53
C VAL F 23 8.04 -20.26 18.25
N TYR F 24 8.32 -19.00 18.52
CA TYR F 24 9.60 -18.39 18.17
C TYR F 24 10.17 -17.62 19.36
N ARG F 25 11.49 -17.60 19.45
CA ARG F 25 12.18 -16.73 20.39
C ARG F 25 12.41 -15.37 19.75
N VAL F 26 12.39 -14.33 20.56
CA VAL F 26 12.71 -12.97 20.13
C VAL F 26 14.05 -12.60 20.75
N MET F 27 15.07 -12.45 19.91
CA MET F 27 16.44 -12.23 20.35
C MET F 27 16.91 -10.85 19.89
N THR F 28 17.97 -10.37 20.53
CA THR F 28 18.54 -9.05 20.25
C THR F 28 20.05 -9.16 20.13
N ARG F 29 20.67 -8.12 19.59
CA ARG F 29 22.09 -8.16 19.23
C ARG F 29 23.02 -7.42 20.16
N ARG F 30 23.09 -6.10 20.01
CA ARG F 30 24.00 -5.25 20.78
C ARG F 30 25.44 -5.69 20.62
N GLY F 33 26.70 -10.23 22.89
CA GLY F 33 26.06 -11.52 22.74
C GLY F 33 24.57 -11.48 22.39
N SER F 34 23.95 -12.65 22.40
CA SER F 34 22.53 -12.81 22.08
C SER F 34 21.66 -12.89 23.32
N THR F 35 20.62 -12.06 23.36
CA THR F 35 19.73 -11.96 24.50
C THR F 35 18.30 -12.30 24.06
N GLN F 36 17.62 -13.15 24.81
CA GLN F 36 16.23 -13.51 24.50
C GLN F 36 15.34 -12.55 25.26
N VAL F 37 14.76 -11.58 24.55
CA VAL F 37 13.89 -10.61 25.21
C VAL F 37 12.46 -11.15 25.36
N GLY F 38 12.05 -12.07 24.50
CA GLY F 38 10.70 -12.59 24.60
C GLY F 38 10.46 -13.74 23.67
N VAL F 39 9.17 -14.10 23.56
CA VAL F 39 8.72 -15.25 22.78
C VAL F 39 7.48 -14.81 21.98
N GLY F 40 7.23 -15.50 20.87
CA GLY F 40 6.11 -15.16 20.02
C GLY F 40 5.51 -16.37 19.35
N VAL F 41 4.37 -16.14 18.70
CA VAL F 41 3.62 -17.17 17.98
C VAL F 41 3.45 -16.73 16.53
N MET F 42 3.77 -17.63 15.60
CA MET F 42 3.50 -17.42 14.20
C MET F 42 2.31 -18.28 13.80
N GLN F 43 1.26 -17.65 13.28
CA GLN F 43 0.07 -18.36 12.83
C GLN F 43 -0.55 -17.59 11.68
N GLU F 44 -0.85 -18.31 10.59
CA GLU F 44 -1.47 -17.73 9.40
C GLU F 44 -0.66 -16.56 8.84
N GLY F 45 0.66 -16.68 8.93
CA GLY F 45 1.55 -15.66 8.41
C GLY F 45 1.70 -14.43 9.28
N VAL F 46 1.14 -14.44 10.49
CA VAL F 46 1.19 -13.30 11.41
C VAL F 46 1.96 -13.72 12.65
N PHE F 47 2.88 -12.86 13.09
CA PHE F 47 3.66 -13.09 14.31
C PHE F 47 3.01 -12.33 15.46
N HIS F 48 2.61 -13.06 16.50
CA HIS F 48 1.93 -12.49 17.65
C HIS F 48 2.86 -12.56 18.87
N THR F 49 3.11 -11.41 19.48
CA THR F 49 3.87 -11.35 20.72
C THR F 49 3.32 -10.22 21.59
N MET F 50 3.97 -9.97 22.70
CA MET F 50 3.56 -8.93 23.64
C MET F 50 4.28 -7.63 23.36
N TRP F 51 3.63 -6.52 23.69
CA TRP F 51 4.17 -5.21 23.34
C TRP F 51 5.49 -4.94 24.04
N HIS F 52 5.55 -5.18 25.35
CA HIS F 52 6.75 -4.84 26.12
C HIS F 52 7.97 -5.64 25.68
N VAL F 53 7.80 -6.70 24.90
CA VAL F 53 8.92 -7.44 24.37
C VAL F 53 9.61 -6.65 23.26
N THR F 54 8.84 -6.23 22.26
CA THR F 54 9.39 -5.56 21.09
C THR F 54 9.26 -4.05 21.13
N LYS F 55 8.37 -3.51 21.98
CA LYS F 55 8.02 -2.09 21.96
C LYS F 55 7.65 -1.63 20.55
N GLY F 56 6.98 -2.51 19.81
CA GLY F 56 6.52 -2.20 18.48
C GLY F 56 7.61 -2.16 17.42
N ALA F 57 8.86 -2.45 17.77
CA ALA F 57 9.93 -2.40 16.79
C ALA F 57 9.80 -3.51 15.76
N ALA F 58 10.40 -3.28 14.59
CA ALA F 58 10.44 -4.30 13.55
C ALA F 58 11.35 -5.45 13.95
N LEU F 59 11.11 -6.60 13.34
CA LEU F 59 11.86 -7.82 13.61
C LEU F 59 12.47 -8.37 12.34
N ARG F 60 13.55 -9.13 12.49
CA ARG F 60 14.22 -9.80 11.39
C ARG F 60 13.94 -11.29 11.44
N SER F 61 13.72 -11.90 10.28
CA SER F 61 13.51 -13.33 10.15
C SER F 61 14.51 -13.84 9.12
N GLY F 62 15.75 -14.03 9.55
CA GLY F 62 16.81 -14.41 8.63
C GLY F 62 17.15 -13.29 7.67
N GLU F 63 16.67 -13.40 6.43
CA GLU F 63 16.86 -12.35 5.45
C GLU F 63 15.67 -11.42 5.32
N GLY F 64 14.47 -11.86 5.73
CA GLY F 64 13.29 -11.03 5.65
C GLY F 64 13.16 -10.07 6.82
N ARG F 65 12.07 -9.31 6.79
CA ARG F 65 11.76 -8.32 7.82
C ARG F 65 10.26 -8.34 8.09
N LEU F 66 9.90 -8.17 9.35
CA LEU F 66 8.51 -8.13 9.79
C LEU F 66 8.19 -6.74 10.32
N ASP F 67 7.17 -6.11 9.76
CA ASP F 67 6.77 -4.79 10.20
C ASP F 67 5.53 -4.90 11.08
N PRO F 68 5.45 -4.13 12.17
CA PRO F 68 4.26 -4.19 13.01
C PRO F 68 3.02 -3.78 12.23
N TYR F 69 1.92 -4.48 12.50
CA TYR F 69 0.65 -4.24 11.84
C TYR F 69 -0.41 -3.72 12.79
N TRP F 70 -0.52 -4.33 13.97
CA TRP F 70 -1.45 -3.89 15.00
C TRP F 70 -0.77 -4.01 16.36
N GLY F 71 -1.12 -3.09 17.26
CA GLY F 71 -0.60 -3.13 18.60
C GLY F 71 -1.45 -2.29 19.54
N ASP F 72 -1.38 -2.63 20.82
CA ASP F 72 -2.10 -1.89 21.85
C ASP F 72 -1.31 -1.99 23.15
N VAL F 73 -0.95 -0.83 23.70
CA VAL F 73 -0.15 -0.83 24.92
C VAL F 73 -0.96 -1.34 26.11
N LYS F 74 -2.23 -0.93 26.20
CA LYS F 74 -3.06 -1.39 27.30
C LYS F 74 -3.29 -2.89 27.23
N GLN F 75 -3.52 -3.42 26.03
CA GLN F 75 -3.62 -4.87 25.86
C GLN F 75 -2.26 -5.55 25.99
N ASP F 76 -1.16 -4.81 25.84
CA ASP F 76 0.19 -5.37 25.86
C ASP F 76 0.34 -6.45 24.79
N LEU F 77 -0.18 -6.16 23.59
CA LEU F 77 -0.13 -7.10 22.48
C LEU F 77 0.30 -6.37 21.22
N VAL F 78 0.90 -7.13 20.30
CA VAL F 78 1.31 -6.62 19.00
C VAL F 78 1.35 -7.78 18.03
N SER F 79 0.99 -7.51 16.77
CA SER F 79 1.00 -8.51 15.72
C SER F 79 1.81 -7.99 14.54
N TYR F 80 2.41 -8.92 13.80
CA TYR F 80 3.27 -8.61 12.66
C TYR F 80 2.71 -9.26 11.40
N CYS F 81 2.83 -8.56 10.27
CA CYS F 81 2.43 -8.95 8.93
C CYS F 81 0.92 -9.10 8.76
N GLY F 82 0.12 -8.78 9.77
CA GLY F 82 -1.31 -8.87 9.63
C GLY F 82 -2.06 -8.59 10.91
N PRO F 83 -3.38 -8.73 10.86
CA PRO F 83 -4.19 -8.51 12.07
C PRO F 83 -4.02 -9.68 13.02
N TRP F 84 -4.45 -9.46 14.27
CA TRP F 84 -4.42 -10.50 15.27
C TRP F 84 -5.26 -11.70 14.83
N LYS F 85 -4.63 -12.88 14.80
CA LYS F 85 -5.30 -14.09 14.31
C LYS F 85 -5.76 -15.03 15.41
N LEU F 86 -5.17 -14.95 16.60
CA LEU F 86 -5.49 -15.87 17.67
C LEU F 86 -6.77 -15.43 18.37
N ASP F 87 -7.82 -16.26 18.29
CA ASP F 87 -9.11 -15.93 18.84
C ASP F 87 -9.63 -16.96 19.83
N ALA F 88 -8.95 -18.08 20.00
CA ALA F 88 -9.35 -19.06 21.00
C ALA F 88 -9.14 -18.52 22.41
N ALA F 89 -9.89 -19.10 23.35
CA ALA F 89 -9.81 -18.69 24.74
C ALA F 89 -9.91 -19.92 25.65
N TRP F 90 -9.60 -19.70 26.93
CA TRP F 90 -9.82 -20.69 27.97
C TRP F 90 -11.31 -20.92 28.18
N ASP F 91 -11.74 -22.18 28.10
CA ASP F 91 -13.12 -22.56 28.40
C ASP F 91 -13.56 -22.19 29.82
N GLY F 92 -12.63 -21.86 30.72
CA GLY F 92 -12.95 -21.54 32.08
C GLY F 92 -12.85 -22.71 33.05
N LEU F 93 -13.20 -23.92 32.62
CA LEU F 93 -13.19 -25.09 33.51
C LEU F 93 -11.91 -25.90 33.43
N SER F 94 -11.49 -26.29 32.22
CA SER F 94 -10.37 -27.19 32.01
C SER F 94 -9.02 -26.59 32.39
N GLU F 95 -8.06 -27.48 32.61
CA GLU F 95 -6.64 -27.10 32.67
C GLU F 95 -6.11 -26.75 31.28
N VAL F 96 -5.06 -25.93 31.28
CA VAL F 96 -4.38 -25.52 30.04
C VAL F 96 -2.92 -25.93 30.11
N GLN F 97 -2.17 -25.63 29.05
CA GLN F 97 -0.72 -25.85 29.02
C GLN F 97 0.00 -24.57 28.60
N LEU F 98 1.01 -24.18 29.38
CA LEU F 98 1.89 -23.08 29.00
C LEU F 98 3.06 -23.63 28.22
N LEU F 99 3.15 -23.25 26.94
CA LEU F 99 4.29 -23.63 26.11
C LEU F 99 5.40 -22.61 26.34
N ALA F 100 6.10 -22.81 27.46
CA ALA F 100 7.15 -21.89 27.88
C ALA F 100 8.41 -22.10 27.05
N VAL F 101 8.95 -21.00 26.52
CA VAL F 101 10.24 -21.04 25.84
C VAL F 101 11.21 -20.17 26.63
N PRO F 102 11.82 -20.68 27.70
CA PRO F 102 12.71 -19.86 28.49
C PRO F 102 14.00 -19.60 27.76
N PRO F 103 14.69 -18.49 28.06
CA PRO F 103 15.96 -18.21 27.39
C PRO F 103 17.00 -19.27 27.69
N GLY F 104 17.69 -19.72 26.63
CA GLY F 104 18.73 -20.72 26.78
C GLY F 104 18.23 -22.11 27.08
N GLU F 105 16.93 -22.34 27.05
CA GLU F 105 16.34 -23.64 27.34
C GLU F 105 15.40 -24.04 26.22
N ARG F 106 15.00 -25.31 26.23
CA ARG F 106 14.13 -25.87 25.22
C ARG F 106 12.67 -25.56 25.57
N ALA F 107 11.82 -25.61 24.55
CA ALA F 107 10.39 -25.42 24.79
C ALA F 107 9.86 -26.55 25.65
N LYS F 108 9.04 -26.21 26.64
CA LYS F 108 8.50 -27.19 27.55
C LYS F 108 7.05 -26.86 27.86
N ASN F 109 6.19 -27.87 27.76
CA ASN F 109 4.77 -27.70 28.08
C ASN F 109 4.57 -27.92 29.57
N ILE F 110 3.79 -27.03 30.18
CA ILE F 110 3.50 -27.10 31.61
C ILE F 110 1.98 -26.99 31.76
N GLN F 111 1.36 -28.06 32.25
CA GLN F 111 -0.08 -28.09 32.43
C GLN F 111 -0.46 -27.47 33.76
N THR F 112 -1.54 -26.70 33.77
CA THR F 112 -1.97 -26.02 34.98
C THR F 112 -3.45 -25.66 34.84
N LEU F 113 -4.09 -25.48 36.00
CA LEU F 113 -5.44 -24.94 36.02
C LEU F 113 -5.35 -23.46 36.29
N PRO F 114 -5.77 -22.60 35.35
CA PRO F 114 -5.54 -21.16 35.53
C PRO F 114 -6.43 -20.60 36.63
N GLY F 115 -5.92 -19.55 37.26
CA GLY F 115 -6.70 -18.79 38.22
C GLY F 115 -7.53 -17.74 37.51
N ILE F 116 -7.94 -16.73 38.27
CA ILE F 116 -8.86 -15.71 37.78
C ILE F 116 -8.32 -14.34 38.16
N PHE F 117 -8.10 -13.48 37.18
CA PHE F 117 -7.93 -12.06 37.40
C PHE F 117 -9.30 -11.41 37.34
N LYS F 118 -9.74 -10.84 38.46
CA LYS F 118 -11.08 -10.25 38.57
C LYS F 118 -10.95 -8.74 38.47
N THR F 119 -11.45 -8.17 37.38
CA THR F 119 -11.38 -6.74 37.11
C THR F 119 -12.78 -6.14 37.12
N LYS F 120 -12.83 -4.81 37.02
CA LYS F 120 -14.11 -4.12 37.04
C LYS F 120 -14.96 -4.45 35.83
N ASP F 121 -14.34 -4.79 34.70
CA ASP F 121 -15.06 -5.09 33.47
C ASP F 121 -15.07 -6.58 33.14
N GLY F 122 -14.89 -7.43 34.14
CA GLY F 122 -14.98 -8.87 33.97
C GLY F 122 -13.74 -9.59 34.46
N ASP F 123 -13.74 -10.90 34.25
CA ASP F 123 -12.68 -11.79 34.71
C ASP F 123 -11.88 -12.32 33.52
N ILE F 124 -10.57 -12.48 33.75
CA ILE F 124 -9.68 -13.12 32.77
C ILE F 124 -8.90 -14.22 33.48
N GLY F 125 -8.63 -15.29 32.75
CA GLY F 125 -7.81 -16.36 33.30
C GLY F 125 -6.40 -15.92 33.58
N ALA F 126 -5.76 -16.58 34.53
CA ALA F 126 -4.39 -16.28 34.91
C ALA F 126 -3.70 -17.55 35.38
N VAL F 127 -2.47 -17.75 34.91
CA VAL F 127 -1.67 -18.91 35.28
C VAL F 127 -0.64 -18.49 36.31
N ALA F 128 -0.52 -19.28 37.38
CA ALA F 128 0.42 -18.97 38.46
C ALA F 128 1.72 -19.74 38.23
N LEU F 129 2.44 -19.31 37.20
CA LEU F 129 3.71 -19.91 36.82
C LEU F 129 4.74 -18.79 36.69
N ASP F 130 5.90 -18.98 37.33
CA ASP F 130 6.95 -17.96 37.36
C ASP F 130 8.11 -18.44 36.51
N TYR F 131 8.50 -17.63 35.53
CA TYR F 131 9.57 -17.95 34.62
C TYR F 131 10.31 -16.66 34.30
N PRO F 132 11.56 -16.74 33.83
CA PRO F 132 12.32 -15.53 33.53
C PRO F 132 11.56 -14.63 32.55
N ALA F 133 11.85 -13.33 32.65
CA ALA F 133 11.14 -12.34 31.83
C ALA F 133 11.31 -12.62 30.34
N GLY F 134 12.39 -13.31 29.96
CA GLY F 134 12.59 -13.70 28.58
C GLY F 134 11.59 -14.70 28.05
N THR F 135 10.71 -15.21 28.92
CA THR F 135 9.63 -16.12 28.53
C THR F 135 8.38 -15.36 28.08
N SER F 136 8.39 -14.03 28.16
CA SER F 136 7.24 -13.22 27.76
C SER F 136 6.81 -13.54 26.33
N GLY F 137 5.52 -13.81 26.16
CA GLY F 137 4.97 -14.13 24.85
C GLY F 137 4.75 -15.59 24.59
N SER F 138 5.10 -16.47 25.53
CA SER F 138 4.88 -17.89 25.33
C SER F 138 3.39 -18.19 25.23
N PRO F 139 2.98 -19.03 24.29
CA PRO F 139 1.55 -19.31 24.13
C PRO F 139 1.03 -20.22 25.22
N ILE F 140 -0.26 -20.06 25.51
CA ILE F 140 -1.00 -20.94 26.40
C ILE F 140 -2.04 -21.68 25.57
N LEU F 141 -2.06 -22.99 25.69
CA LEU F 141 -2.87 -23.83 24.81
C LEU F 141 -3.99 -24.50 25.58
N ASP F 142 -5.09 -24.76 24.88
CA ASP F 142 -6.15 -25.60 25.39
C ASP F 142 -5.91 -27.04 24.92
N LYS F 143 -6.80 -27.95 25.34
CA LYS F 143 -6.62 -29.36 25.03
C LYS F 143 -6.57 -29.64 23.54
N CYS F 144 -7.18 -28.77 22.73
CA CYS F 144 -7.18 -28.94 21.27
C CYS F 144 -5.99 -28.26 20.59
N GLY F 145 -5.07 -27.68 21.36
CA GLY F 145 -3.89 -27.05 20.79
C GLY F 145 -4.07 -25.61 20.38
N ARG F 146 -5.25 -25.04 20.59
CA ARG F 146 -5.50 -23.65 20.23
C ARG F 146 -4.82 -22.71 21.20
N VAL F 147 -4.25 -21.63 20.67
CA VAL F 147 -3.62 -20.60 21.49
C VAL F 147 -4.71 -19.76 22.14
N ILE F 148 -4.80 -19.82 23.47
CA ILE F 148 -5.83 -19.10 24.21
C ILE F 148 -5.29 -17.81 24.83
N GLY F 149 -4.02 -17.51 24.64
CA GLY F 149 -3.44 -16.31 25.21
C GLY F 149 -1.94 -16.41 25.25
N LEU F 150 -1.32 -15.28 25.61
CA LEU F 150 0.13 -15.18 25.74
C LEU F 150 0.50 -14.95 27.19
N TYR F 151 1.71 -15.38 27.54
CA TYR F 151 2.19 -15.34 28.92
C TYR F 151 3.22 -14.23 29.06
N GLY F 152 3.09 -13.42 30.11
CA GLY F 152 4.08 -12.41 30.40
C GLY F 152 3.58 -11.09 30.96
N ASN F 153 2.28 -10.96 31.16
CA ASN F 153 1.71 -9.73 31.73
C ASN F 153 0.86 -10.09 32.94
N GLY F 154 1.31 -9.69 34.13
CA GLY F 154 0.60 -9.99 35.36
C GLY F 154 1.09 -9.18 36.55
N VAL F 155 1.00 -9.75 37.74
CA VAL F 155 1.37 -9.08 38.98
C VAL F 155 2.24 -10.00 39.82
N VAL F 156 2.70 -9.48 40.96
CA VAL F 156 3.48 -10.22 41.95
C VAL F 156 2.66 -10.24 43.24
N ILE F 157 2.40 -11.45 43.74
CA ILE F 157 1.51 -11.62 44.90
C ILE F 157 2.30 -11.59 46.20
N LYS F 158 1.62 -11.90 47.31
CA LYS F 158 2.19 -11.68 48.64
C LYS F 158 3.51 -12.41 48.85
N ASN F 159 3.54 -13.73 48.60
CA ASN F 159 4.78 -14.48 48.76
C ASN F 159 5.92 -13.91 47.91
N GLY F 160 5.59 -13.22 46.82
CA GLY F 160 6.57 -12.85 45.81
C GLY F 160 6.51 -13.64 44.53
N SER F 161 5.64 -14.63 44.44
CA SER F 161 5.45 -15.35 43.20
C SER F 161 4.84 -14.43 42.13
N TYR F 162 4.85 -14.92 40.89
CA TYR F 162 4.33 -14.19 39.75
C TYR F 162 3.11 -14.92 39.19
N VAL F 163 2.07 -14.15 38.89
CA VAL F 163 0.85 -14.69 38.28
C VAL F 163 0.57 -13.88 37.03
N SER F 164 0.64 -14.53 35.87
CA SER F 164 0.46 -13.88 34.59
C SER F 164 -0.96 -14.06 34.10
N ALA F 165 -1.54 -13.00 33.55
CA ALA F 165 -2.83 -13.11 32.91
C ALA F 165 -2.71 -13.91 31.62
N ILE F 166 -3.85 -14.44 31.17
CA ILE F 166 -3.95 -15.07 29.85
C ILE F 166 -4.46 -13.98 28.91
N THR F 167 -3.53 -13.27 28.27
CA THR F 167 -3.85 -12.11 27.46
C THR F 167 -4.14 -12.55 26.04
N GLN F 168 -5.38 -12.33 25.59
CA GLN F 168 -5.81 -12.68 24.25
C GLN F 168 -6.35 -11.44 23.55
N GLY F 169 -6.07 -11.33 22.26
CA GLY F 169 -6.56 -10.23 21.45
C GLY F 169 -7.91 -10.52 20.82
N LYS F 170 -8.29 -9.63 19.92
CA LYS F 170 -9.57 -9.75 19.21
C LYS F 170 -9.34 -9.80 17.70
N ASP G 7 17.11 -16.81 -27.44
CA ASP G 7 16.02 -17.43 -28.19
C ASP G 7 15.80 -18.87 -27.72
N MET G 8 14.56 -19.34 -27.82
CA MET G 8 14.18 -20.67 -27.38
C MET G 8 13.95 -21.59 -28.56
N TYR G 9 14.07 -22.89 -28.31
CA TYR G 9 13.80 -23.90 -29.33
C TYR G 9 13.26 -25.14 -28.64
N ILE G 10 12.64 -26.02 -29.43
CA ILE G 10 12.05 -27.25 -28.92
C ILE G 10 12.69 -28.45 -29.58
N GLU G 11 12.76 -29.56 -28.84
CA GLU G 11 13.26 -30.82 -29.34
C GLU G 11 12.46 -31.96 -28.73
N ARG G 12 12.25 -33.01 -29.51
CA ARG G 12 11.35 -34.09 -29.11
C ARG G 12 11.89 -34.83 -27.89
N ALA G 13 10.96 -35.24 -27.02
CA ALA G 13 11.28 -35.96 -25.80
C ALA G 13 10.60 -37.31 -25.68
N GLY G 14 9.59 -37.59 -26.50
CA GLY G 14 8.93 -38.88 -26.47
C GLY G 14 7.51 -38.78 -26.99
N ASP G 15 6.85 -39.93 -26.96
CA ASP G 15 5.45 -40.02 -27.36
C ASP G 15 4.53 -39.72 -26.19
N ILE G 16 3.32 -39.27 -26.50
CA ILE G 16 2.28 -39.07 -25.50
C ILE G 16 1.56 -40.41 -25.37
N THR G 17 1.91 -41.18 -24.35
CA THR G 17 1.37 -42.53 -24.23
C THR G 17 1.35 -42.95 -22.77
N TRP G 18 0.28 -43.66 -22.39
CA TRP G 18 0.15 -44.26 -21.08
C TRP G 18 0.97 -45.55 -21.02
N GLU G 19 1.66 -45.76 -19.91
CA GLU G 19 2.49 -46.94 -19.71
C GLU G 19 1.92 -47.76 -18.56
N LYS G 20 1.74 -49.08 -18.78
CA LYS G 20 1.17 -49.92 -17.74
C LYS G 20 2.21 -50.30 -16.69
N ASP G 21 3.48 -50.40 -17.08
CA ASP G 21 4.54 -50.71 -16.12
C ASP G 21 5.07 -49.49 -15.41
N ALA G 22 4.23 -48.48 -15.20
CA ALA G 22 4.68 -47.27 -14.52
C ALA G 22 4.59 -47.50 -13.02
N GLU G 23 5.65 -47.13 -12.31
CA GLU G 23 5.65 -47.19 -10.85
C GLU G 23 4.69 -46.14 -10.29
N VAL G 24 3.96 -46.53 -9.24
CA VAL G 24 2.90 -45.70 -8.67
C VAL G 24 3.39 -45.12 -7.36
N THR G 25 3.34 -43.78 -7.26
CA THR G 25 3.81 -43.07 -6.09
C THR G 25 3.01 -41.78 -5.95
N GLY G 26 3.19 -41.10 -4.82
CA GLY G 26 2.56 -39.81 -4.59
C GLY G 26 1.24 -39.91 -3.86
N ASN G 27 0.98 -39.00 -2.94
CA ASN G 27 -0.24 -39.01 -2.14
C ASN G 27 -1.33 -38.19 -2.84
N SER G 28 -2.47 -38.02 -2.16
CA SER G 28 -3.65 -37.37 -2.75
C SER G 28 -4.14 -36.25 -1.85
N PRO G 29 -3.34 -35.20 -1.68
CA PRO G 29 -3.67 -34.17 -0.69
C PRO G 29 -4.80 -33.25 -1.14
N ARG G 30 -5.58 -32.80 -0.16
CA ARG G 30 -6.64 -31.84 -0.37
C ARG G 30 -6.18 -30.50 0.20
N LEU G 31 -6.03 -29.51 -0.67
CA LEU G 31 -5.42 -28.25 -0.28
C LEU G 31 -6.35 -27.09 -0.63
N ASP G 32 -6.50 -26.16 0.31
CA ASP G 32 -7.23 -24.92 0.08
C ASP G 32 -6.23 -23.89 -0.45
N VAL G 33 -6.41 -23.49 -1.72
CA VAL G 33 -5.46 -22.60 -2.37
C VAL G 33 -6.20 -21.38 -2.91
N ALA G 34 -5.44 -20.33 -3.15
CA ALA G 34 -5.93 -19.11 -3.77
C ALA G 34 -5.07 -18.79 -4.98
N LEU G 35 -5.72 -18.43 -6.08
CA LEU G 35 -5.05 -18.10 -7.33
C LEU G 35 -5.17 -16.60 -7.56
N ASP G 36 -4.04 -15.90 -7.59
CA ASP G 36 -4.10 -14.47 -7.80
C ASP G 36 -4.18 -14.18 -9.29
N GLU G 37 -4.29 -12.89 -9.63
CA GLU G 37 -4.41 -12.53 -11.04
C GLU G 37 -3.10 -12.76 -11.81
N SER G 38 -1.97 -12.77 -11.12
CA SER G 38 -0.69 -13.04 -11.78
C SER G 38 -0.49 -14.52 -12.10
N GLY G 39 -1.42 -15.39 -11.70
CA GLY G 39 -1.28 -16.82 -11.95
C GLY G 39 -0.52 -17.60 -10.89
N ASP G 40 -0.31 -17.03 -9.71
CA ASP G 40 0.41 -17.72 -8.64
C ASP G 40 -0.58 -18.34 -7.66
N PHE G 41 -0.37 -19.61 -7.34
CA PHE G 41 -1.17 -20.29 -6.34
C PHE G 41 -0.60 -20.03 -4.95
N SER G 42 -1.49 -19.94 -3.96
CA SER G 42 -1.10 -19.68 -2.58
C SER G 42 -1.99 -20.47 -1.62
N LEU G 43 -1.40 -20.96 -0.55
CA LEU G 43 -2.15 -21.72 0.44
C LEU G 43 -2.89 -20.78 1.39
N VAL G 44 -4.08 -21.21 1.80
CA VAL G 44 -4.91 -20.41 2.70
C VAL G 44 -5.00 -21.09 4.06
N THR H 20 4.67 -33.13 -35.84
CA THR H 20 4.15 -34.44 -35.45
C THR H 20 3.88 -34.47 -33.95
N ASP H 21 2.77 -35.12 -33.59
CA ASP H 21 2.35 -35.26 -32.20
C ASP H 21 3.43 -35.87 -31.31
N GLY H 22 3.45 -35.43 -30.06
CA GLY H 22 4.35 -35.97 -29.07
C GLY H 22 4.75 -34.90 -28.07
N VAL H 23 5.66 -35.27 -27.18
CA VAL H 23 6.12 -34.40 -26.09
C VAL H 23 7.51 -33.87 -26.45
N TYR H 24 7.75 -32.61 -26.12
CA TYR H 24 8.98 -31.93 -26.52
C TYR H 24 9.56 -31.18 -25.34
N ARG H 25 10.89 -31.08 -25.32
CA ARG H 25 11.57 -30.19 -24.39
C ARG H 25 11.64 -28.79 -25.00
N VAL H 26 11.58 -27.79 -24.13
CA VAL H 26 11.74 -26.40 -24.55
C VAL H 26 13.08 -25.92 -24.02
N MET H 27 14.02 -25.68 -24.92
CA MET H 27 15.39 -25.38 -24.56
C MET H 27 15.76 -23.94 -24.92
N THR H 28 16.77 -23.43 -24.22
CA THR H 28 17.28 -22.08 -24.44
C THR H 28 18.80 -22.07 -24.37
N ARG H 29 19.39 -21.04 -24.97
CA ARG H 29 20.82 -20.82 -24.86
C ARG H 29 21.15 -19.51 -24.15
N ARG H 30 20.35 -18.46 -24.37
CA ARG H 30 20.45 -17.17 -23.70
C ARG H 30 21.06 -17.28 -22.30
N GLY H 33 24.48 -22.37 -21.48
CA GLY H 33 24.40 -23.68 -22.10
C GLY H 33 23.04 -23.91 -22.65
N SER H 34 22.75 -25.14 -23.04
CA SER H 34 21.40 -25.48 -23.46
C SER H 34 20.67 -25.92 -22.21
N THR H 35 19.65 -25.17 -21.85
CA THR H 35 18.93 -25.34 -20.59
C THR H 35 17.47 -25.58 -20.88
N GLN H 36 16.88 -26.54 -20.17
CA GLN H 36 15.48 -26.89 -20.37
C GLN H 36 14.64 -26.03 -19.44
N VAL H 37 13.96 -25.03 -20.02
CA VAL H 37 13.10 -24.16 -19.22
C VAL H 37 11.74 -24.80 -19.01
N GLY H 38 11.32 -25.69 -19.89
CA GLY H 38 10.03 -26.32 -19.74
C GLY H 38 9.82 -27.44 -20.73
N VAL H 39 8.56 -27.89 -20.79
CA VAL H 39 8.15 -29.02 -21.62
C VAL H 39 6.84 -28.62 -22.31
N GLY H 40 6.55 -29.29 -23.43
CA GLY H 40 5.35 -28.97 -24.17
C GLY H 40 4.76 -30.19 -24.84
N VAL H 41 3.55 -30.00 -25.38
CA VAL H 41 2.81 -31.04 -26.07
C VAL H 41 2.49 -30.55 -27.48
N MET H 42 2.77 -31.38 -28.47
CA MET H 42 2.41 -31.12 -29.85
C MET H 42 1.20 -31.98 -30.21
N GLN H 43 0.10 -31.35 -30.61
CA GLN H 43 -1.09 -32.09 -31.01
C GLN H 43 -1.85 -31.28 -32.04
N GLU H 44 -2.21 -31.93 -33.15
CA GLU H 44 -3.01 -31.32 -34.21
C GLU H 44 -2.35 -30.04 -34.74
N GLY H 45 -1.02 -30.04 -34.80
CA GLY H 45 -0.30 -28.89 -35.31
C GLY H 45 -0.13 -27.73 -34.36
N VAL H 46 -0.54 -27.90 -33.09
CA VAL H 46 -0.44 -26.85 -32.09
C VAL H 46 0.52 -27.29 -31.00
N PHE H 47 1.40 -26.38 -30.58
CA PHE H 47 2.33 -26.65 -29.49
C PHE H 47 1.76 -26.04 -28.22
N HIS H 48 1.54 -26.89 -27.21
CA HIS H 48 0.94 -26.49 -25.95
C HIS H 48 2.00 -26.55 -24.85
N THR H 49 2.22 -25.42 -24.17
CA THR H 49 3.10 -25.38 -23.02
C THR H 49 2.51 -24.39 -22.02
N MET H 50 3.24 -24.14 -20.94
CA MET H 50 2.80 -23.23 -19.90
C MET H 50 3.36 -21.84 -20.16
N TRP H 51 2.62 -20.83 -19.71
CA TRP H 51 3.00 -19.45 -20.00
C TRP H 51 4.33 -19.09 -19.37
N HIS H 52 4.53 -19.43 -18.10
CA HIS H 52 5.75 -19.07 -17.40
C HIS H 52 6.99 -19.72 -18.00
N VAL H 53 6.84 -20.72 -18.86
CA VAL H 53 7.98 -21.33 -19.51
C VAL H 53 8.55 -20.39 -20.57
N THR H 54 7.70 -19.97 -21.51
CA THR H 54 8.15 -19.12 -22.61
C THR H 54 7.80 -17.66 -22.44
N LYS H 55 6.84 -17.33 -21.57
CA LYS H 55 6.30 -15.98 -21.45
C LYS H 55 5.90 -15.42 -22.81
N GLY H 56 5.32 -16.28 -23.64
CA GLY H 56 4.83 -15.89 -24.95
C GLY H 56 5.90 -15.70 -26.02
N ALA H 57 7.16 -15.97 -25.72
CA ALA H 57 8.21 -15.80 -26.72
C ALA H 57 8.05 -16.81 -27.85
N ALA H 58 8.59 -16.47 -29.01
CA ALA H 58 8.58 -17.39 -30.14
C ALA H 58 9.53 -18.55 -29.88
N LEU H 59 9.27 -19.66 -30.57
CA LEU H 59 10.05 -20.87 -30.43
C LEU H 59 10.58 -21.30 -31.79
N ARG H 60 11.69 -22.03 -31.77
CA ARG H 60 12.30 -22.55 -32.99
C ARG H 60 12.03 -24.05 -33.09
N SER H 61 11.75 -24.51 -34.32
CA SER H 61 11.51 -25.92 -34.60
C SER H 61 12.44 -26.32 -35.75
N GLY H 62 13.71 -26.52 -35.42
CA GLY H 62 14.70 -26.83 -36.43
C GLY H 62 14.93 -25.65 -37.36
N GLU H 63 14.36 -25.73 -38.56
CA GLU H 63 14.41 -24.62 -39.51
C GLU H 63 13.16 -23.76 -39.48
N GLY H 64 12.05 -24.28 -38.98
CA GLY H 64 10.82 -23.52 -38.87
C GLY H 64 10.79 -22.62 -37.64
N ARG H 65 9.68 -21.91 -37.50
CA ARG H 65 9.47 -21.00 -36.39
C ARG H 65 8.02 -21.11 -35.93
N LEU H 66 7.81 -21.05 -34.62
CA LEU H 66 6.48 -21.12 -34.02
C LEU H 66 6.17 -19.80 -33.34
N ASP H 67 5.05 -19.19 -33.72
CA ASP H 67 4.56 -17.93 -33.17
C ASP H 67 3.38 -18.18 -32.23
N PRO H 68 3.34 -17.48 -31.10
CA PRO H 68 2.21 -17.66 -30.17
C PRO H 68 0.88 -17.33 -30.82
N TYR H 69 -0.14 -18.10 -30.46
CA TYR H 69 -1.49 -17.93 -30.97
C TYR H 69 -2.48 -17.50 -29.90
N TRP H 70 -2.48 -18.17 -28.75
CA TRP H 70 -3.34 -17.82 -27.63
C TRP H 70 -2.58 -18.04 -26.33
N GLY H 71 -2.87 -17.22 -25.34
CA GLY H 71 -2.24 -17.37 -24.03
C GLY H 71 -3.01 -16.64 -22.96
N ASP H 72 -2.81 -17.08 -21.73
CA ASP H 72 -3.45 -16.47 -20.57
C ASP H 72 -2.52 -16.61 -19.38
N VAL H 73 -2.17 -15.48 -18.77
CA VAL H 73 -1.20 -15.49 -17.67
C VAL H 73 -1.79 -16.15 -16.43
N LYS H 74 -3.05 -15.82 -16.11
CA LYS H 74 -3.68 -16.40 -14.93
C LYS H 74 -3.84 -17.91 -15.08
N GLN H 75 -4.24 -18.38 -16.27
CA GLN H 75 -4.30 -19.81 -16.52
C GLN H 75 -2.91 -20.43 -16.65
N ASP H 76 -1.89 -19.61 -16.91
CA ASP H 76 -0.52 -20.08 -17.12
C ASP H 76 -0.44 -21.07 -18.29
N LEU H 77 -1.12 -20.74 -19.38
CA LEU H 77 -1.13 -21.57 -20.58
C LEU H 77 -0.89 -20.70 -21.80
N VAL H 78 -0.34 -21.32 -22.84
CA VAL H 78 -0.09 -20.65 -24.11
C VAL H 78 -0.06 -21.70 -25.22
N SER H 79 -0.52 -21.30 -26.40
CA SER H 79 -0.56 -22.18 -27.57
C SER H 79 0.18 -21.53 -28.74
N TYR H 80 0.76 -22.38 -29.58
CA TYR H 80 1.53 -21.94 -30.74
C TYR H 80 0.94 -22.55 -32.00
N CYS H 81 0.91 -21.78 -33.08
CA CYS H 81 0.48 -22.19 -34.41
C CYS H 81 -1.01 -22.56 -34.48
N GLY H 82 -1.76 -22.38 -33.39
CA GLY H 82 -3.19 -22.63 -33.43
C GLY H 82 -3.85 -22.50 -32.08
N PRO H 83 -5.15 -22.75 -32.03
CA PRO H 83 -5.88 -22.67 -30.76
C PRO H 83 -5.57 -23.86 -29.87
N TRP H 84 -5.88 -23.71 -28.59
CA TRP H 84 -5.73 -24.80 -27.64
C TRP H 84 -6.58 -25.99 -28.07
N LYS H 85 -5.94 -27.15 -28.24
CA LYS H 85 -6.61 -28.34 -28.74
C LYS H 85 -6.94 -29.34 -27.65
N LEU H 86 -6.25 -29.30 -26.52
CA LEU H 86 -6.46 -30.29 -25.47
C LEU H 86 -7.70 -29.93 -24.66
N ASP H 87 -8.72 -30.79 -24.73
CA ASP H 87 -9.98 -30.55 -24.06
C ASP H 87 -10.37 -31.69 -23.13
N ALA H 88 -9.61 -32.77 -23.11
CA ALA H 88 -9.89 -33.84 -22.17
C ALA H 88 -9.68 -33.32 -20.76
N ALA H 89 -10.32 -33.97 -19.80
CA ALA H 89 -10.23 -33.49 -18.44
C ALA H 89 -10.00 -34.67 -17.50
N TRP H 90 -9.60 -34.32 -16.30
CA TRP H 90 -9.45 -35.28 -15.21
C TRP H 90 -10.78 -35.91 -14.91
N ASP H 91 -11.02 -37.14 -15.42
CA ASP H 91 -12.12 -37.92 -14.85
C ASP H 91 -11.83 -38.16 -13.39
N GLY H 92 -10.55 -38.21 -13.04
CA GLY H 92 -10.08 -38.22 -11.68
C GLY H 92 -9.99 -39.57 -11.03
N LEU H 93 -11.03 -40.40 -11.23
CA LEU H 93 -11.13 -41.68 -10.54
C LEU H 93 -9.90 -42.53 -10.82
N SER H 94 -9.50 -42.63 -12.08
CA SER H 94 -8.33 -43.41 -12.40
C SER H 94 -7.14 -42.72 -11.79
N GLU H 95 -6.07 -43.46 -11.57
CA GLU H 95 -4.81 -42.77 -11.34
C GLU H 95 -4.40 -42.15 -12.66
N VAL H 96 -3.56 -41.13 -12.60
CA VAL H 96 -3.15 -40.50 -13.85
C VAL H 96 -1.69 -40.83 -14.02
N GLN H 97 -1.10 -40.43 -15.13
CA GLN H 97 0.32 -40.59 -15.33
C GLN H 97 0.89 -39.24 -15.71
N LEU H 98 1.91 -38.82 -14.97
CA LEU H 98 2.66 -37.63 -15.32
C LEU H 98 3.79 -38.06 -16.23
N LEU H 99 3.73 -37.62 -17.49
CA LEU H 99 4.81 -37.90 -18.44
C LEU H 99 5.87 -36.84 -18.19
N ALA H 100 6.66 -37.09 -17.14
CA ALA H 100 7.66 -36.13 -16.71
C ALA H 100 8.85 -36.14 -17.66
N VAL H 101 9.23 -34.96 -18.13
CA VAL H 101 10.43 -34.79 -18.94
C VAL H 101 11.39 -33.88 -18.19
N PRO H 102 12.15 -34.40 -17.22
CA PRO H 102 13.05 -33.54 -16.45
C PRO H 102 14.25 -33.13 -17.29
N PRO H 103 14.87 -32.01 -16.98
CA PRO H 103 16.05 -31.58 -17.75
C PRO H 103 17.19 -32.59 -17.60
N GLY H 104 17.81 -32.93 -18.73
CA GLY H 104 18.93 -33.85 -18.74
C GLY H 104 18.59 -35.29 -18.44
N GLU H 105 17.31 -35.62 -18.32
CA GLU H 105 16.86 -36.98 -18.08
C GLU H 105 15.78 -37.32 -19.08
N ARG H 106 15.46 -38.59 -19.12
CA ARG H 106 14.49 -39.10 -20.08
C ARG H 106 13.06 -38.96 -19.61
N ALA H 107 12.15 -39.03 -20.57
CA ALA H 107 10.73 -39.06 -20.23
C ALA H 107 10.40 -40.36 -19.50
N LYS H 108 9.65 -40.22 -18.41
CA LYS H 108 9.27 -41.34 -17.58
C LYS H 108 7.84 -41.12 -17.12
N ASN H 109 7.01 -42.16 -17.25
CA ASN H 109 5.63 -42.11 -16.80
C ASN H 109 5.56 -42.45 -15.31
N ILE H 110 4.79 -41.66 -14.58
CA ILE H 110 4.62 -41.84 -13.14
C ILE H 110 3.12 -41.86 -12.84
N GLN H 111 2.62 -43.00 -12.38
CA GLN H 111 1.21 -43.12 -12.06
C GLN H 111 0.93 -42.63 -10.66
N THR H 112 -0.17 -41.90 -10.50
CA THR H 112 -0.52 -41.32 -9.20
C THR H 112 -2.00 -40.99 -9.18
N LEU H 113 -2.55 -40.93 -7.96
CA LEU H 113 -3.91 -40.45 -7.79
C LEU H 113 -3.88 -38.99 -7.36
N PRO H 114 -4.37 -38.06 -8.16
CA PRO H 114 -4.24 -36.65 -7.82
C PRO H 114 -5.14 -36.25 -6.66
N GLY H 115 -4.68 -35.22 -5.94
CA GLY H 115 -5.47 -34.61 -4.88
C GLY H 115 -6.41 -33.56 -5.43
N ILE H 116 -6.77 -32.61 -4.57
CA ILE H 116 -7.75 -31.58 -4.88
C ILE H 116 -7.17 -30.23 -4.51
N PHE H 117 -7.12 -29.32 -5.48
CA PHE H 117 -6.93 -27.90 -5.21
C PHE H 117 -8.30 -27.29 -4.97
N LYS H 118 -8.55 -26.81 -3.75
CA LYS H 118 -9.85 -26.28 -3.39
C LYS H 118 -9.77 -24.76 -3.43
N THR H 119 -10.42 -24.17 -4.44
CA THR H 119 -10.44 -22.73 -4.66
C THR H 119 -11.86 -22.22 -4.55
N LYS H 120 -11.99 -20.89 -4.59
CA LYS H 120 -13.30 -20.26 -4.54
C LYS H 120 -14.12 -20.55 -5.79
N ASP H 121 -13.47 -20.86 -6.90
CA ASP H 121 -14.15 -21.10 -8.18
C ASP H 121 -14.25 -22.58 -8.52
N GLY H 122 -14.14 -23.46 -7.54
CA GLY H 122 -14.31 -24.87 -7.77
C GLY H 122 -13.08 -25.66 -7.36
N ASP H 123 -13.08 -26.95 -7.71
CA ASP H 123 -12.00 -27.85 -7.39
C ASP H 123 -11.22 -28.17 -8.66
N ILE H 124 -9.90 -28.26 -8.52
CA ILE H 124 -9.03 -28.67 -9.61
C ILE H 124 -8.15 -29.81 -9.12
N GLY H 125 -7.86 -30.75 -10.00
CA GLY H 125 -6.95 -31.83 -9.64
C GLY H 125 -5.55 -31.30 -9.39
N ALA H 126 -4.80 -32.05 -8.58
CA ALA H 126 -3.44 -31.68 -8.27
C ALA H 126 -2.63 -32.94 -8.04
N VAL H 127 -1.44 -33.01 -8.65
CA VAL H 127 -0.55 -34.16 -8.52
C VAL H 127 0.56 -33.79 -7.53
N ALA H 128 0.80 -34.68 -6.57
CA ALA H 128 1.82 -34.44 -5.55
C ALA H 128 3.12 -35.11 -5.96
N LEU H 129 3.74 -34.53 -6.98
CA LEU H 129 5.00 -35.01 -7.54
C LEU H 129 5.95 -33.82 -7.64
N ASP H 130 7.18 -34.01 -7.19
CA ASP H 130 8.18 -32.94 -7.14
C ASP H 130 9.24 -33.20 -8.21
N TYR H 131 9.43 -32.23 -9.09
CA TYR H 131 10.38 -32.33 -10.19
C TYR H 131 10.98 -30.97 -10.43
N PRO H 132 12.16 -30.90 -11.05
CA PRO H 132 12.78 -29.60 -11.33
C PRO H 132 11.86 -28.69 -12.12
N ALA H 133 12.06 -27.38 -11.94
CA ALA H 133 11.21 -26.39 -12.61
C ALA H 133 11.28 -26.54 -14.12
N GLY H 134 12.38 -27.09 -14.65
CA GLY H 134 12.48 -27.36 -16.07
C GLY H 134 11.54 -28.43 -16.58
N THR H 135 10.84 -29.12 -15.67
CA THR H 135 9.83 -30.10 -16.05
C THR H 135 8.46 -29.47 -16.24
N SER H 136 8.33 -28.18 -15.97
CA SER H 136 7.07 -27.47 -16.15
C SER H 136 6.57 -27.62 -17.58
N GLY H 137 5.30 -28.00 -17.72
CA GLY H 137 4.70 -28.24 -19.01
C GLY H 137 4.55 -29.70 -19.37
N SER H 138 5.00 -30.60 -18.50
CA SER H 138 4.86 -32.02 -18.77
C SER H 138 3.39 -32.40 -18.78
N PRO H 139 2.96 -33.25 -19.72
CA PRO H 139 1.55 -33.62 -19.81
C PRO H 139 1.13 -34.60 -18.73
N ILE H 140 -0.15 -34.53 -18.38
CA ILE H 140 -0.79 -35.48 -17.48
C ILE H 140 -1.85 -36.22 -18.29
N LEU H 141 -1.82 -37.55 -18.23
CA LEU H 141 -2.62 -38.39 -19.11
C LEU H 141 -3.68 -39.15 -18.33
N ASP H 142 -4.78 -39.47 -19.02
CA ASP H 142 -5.74 -40.43 -18.51
C ASP H 142 -5.41 -41.82 -19.07
N LYS H 143 -6.19 -42.82 -18.65
CA LYS H 143 -5.90 -44.20 -19.05
C LYS H 143 -5.99 -44.40 -20.56
N CYS H 144 -6.74 -43.56 -21.26
CA CYS H 144 -6.89 -43.66 -22.70
C CYS H 144 -5.84 -42.88 -23.47
N GLY H 145 -4.88 -42.26 -22.78
CA GLY H 145 -3.80 -41.54 -23.41
C GLY H 145 -4.07 -40.09 -23.73
N ARG H 146 -5.25 -39.56 -23.39
CA ARG H 146 -5.55 -38.16 -23.63
C ARG H 146 -4.85 -37.28 -22.60
N VAL H 147 -4.33 -36.15 -23.06
CA VAL H 147 -3.70 -35.19 -22.17
C VAL H 147 -4.78 -34.42 -21.42
N ILE H 148 -4.83 -34.59 -20.11
CA ILE H 148 -5.84 -33.95 -19.27
C ILE H 148 -5.33 -32.70 -18.59
N GLY H 149 -4.09 -32.32 -18.83
CA GLY H 149 -3.54 -31.11 -18.22
C GLY H 149 -2.03 -31.08 -18.32
N LEU H 150 -1.48 -29.94 -17.94
CA LEU H 150 -0.05 -29.72 -17.93
C LEU H 150 0.43 -29.55 -16.50
N TYR H 151 1.69 -29.92 -16.27
CA TYR H 151 2.29 -29.95 -14.94
C TYR H 151 3.27 -28.79 -14.80
N GLY H 152 3.19 -28.06 -13.69
CA GLY H 152 4.16 -27.03 -13.42
C GLY H 152 3.67 -25.76 -12.75
N ASN H 153 2.38 -25.69 -12.43
CA ASN H 153 1.81 -24.54 -11.73
C ASN H 153 1.08 -25.04 -10.49
N GLY H 154 1.63 -24.74 -9.32
CA GLY H 154 1.07 -25.21 -8.06
C GLY H 154 1.66 -24.51 -6.87
N VAL H 155 1.76 -25.21 -5.73
CA VAL H 155 2.25 -24.63 -4.49
C VAL H 155 3.32 -25.54 -3.89
N VAL H 156 3.92 -25.05 -2.81
CA VAL H 156 4.84 -25.81 -1.99
C VAL H 156 4.21 -25.88 -0.60
N ILE H 157 3.99 -27.09 -0.11
CA ILE H 157 3.24 -27.26 1.14
C ILE H 157 4.21 -27.25 2.31
N LYS H 158 3.68 -27.53 3.50
CA LYS H 158 4.47 -27.42 4.72
C LYS H 158 5.71 -28.29 4.66
N ASN H 159 5.57 -29.53 4.20
CA ASN H 159 6.69 -30.46 4.11
C ASN H 159 7.85 -29.88 3.32
N GLY H 160 7.57 -29.02 2.35
CA GLY H 160 8.54 -28.57 1.39
C GLY H 160 8.44 -29.27 0.05
N SER H 161 7.61 -30.28 -0.05
CA SER H 161 7.32 -30.93 -1.32
C SER H 161 6.52 -30.00 -2.22
N TYR H 162 6.37 -30.41 -3.47
CA TYR H 162 5.68 -29.63 -4.49
C TYR H 162 4.40 -30.35 -4.91
N VAL H 163 3.31 -29.59 -5.03
CA VAL H 163 2.03 -30.11 -5.49
C VAL H 163 1.57 -29.25 -6.66
N SER H 164 1.51 -29.84 -7.85
CA SER H 164 1.15 -29.13 -9.07
C SER H 164 -0.31 -29.38 -9.42
N ALA H 165 -1.01 -28.33 -9.83
CA ALA H 165 -2.35 -28.46 -10.35
C ALA H 165 -2.35 -29.17 -11.70
N ILE H 166 -3.52 -29.70 -12.06
CA ILE H 166 -3.73 -30.24 -13.41
C ILE H 166 -4.33 -29.09 -14.22
N THR H 167 -3.46 -28.35 -14.90
CA THR H 167 -3.86 -27.14 -15.60
C THR H 167 -4.29 -27.49 -17.02
N GLN H 168 -5.56 -27.27 -17.32
CA GLN H 168 -6.12 -27.57 -18.64
C GLN H 168 -6.77 -26.32 -19.22
N GLY H 169 -6.62 -26.16 -20.54
CA GLY H 169 -7.24 -25.06 -21.24
C GLY H 169 -8.64 -25.41 -21.71
N LYS H 170 -9.18 -24.53 -22.55
CA LYS H 170 -10.52 -24.68 -23.10
C LYS H 170 -10.43 -24.71 -24.62
N ARG H 171 -10.93 -25.78 -25.22
CA ARG H 171 -10.93 -25.90 -26.68
C ARG H 171 -12.08 -25.11 -27.29
CAE E60 I . 7.56 -25.64 -10.93
CAF E60 I . 7.93 -26.99 -10.91
CAG E60 I . 8.60 -26.56 -8.79
NAD E60 I . 8.47 -27.46 -9.77
OAC E60 I . 7.75 -27.72 -11.89
SAA E60 I . 8.04 -25.07 -9.27
SAB E60 I . 9.27 -26.89 -7.25
#